data_6K9S
#
_entry.id   6K9S
#
_cell.length_a   59.116
_cell.length_b   128.556
_cell.length_c   149.452
_cell.angle_alpha   90.000
_cell.angle_beta   90.000
_cell.angle_gamma   90.000
#
_symmetry.space_group_name_H-M   'P 21 21 21'
#
loop_
_entity.id
_entity.type
_entity.pdbx_description
1 polymer 'Bifunctional cytochrome P450/NADPH--P450 reductase'
2 non-polymer "[3,3'-(7,12-diethyl-3,8,13,17-tetramethylporphyrin-2,18-diyl-kappa~4~N~21~,N~22~,N~23~,N~24~)dipropanoato(2-)]ruthenium"
3 non-polymer 'CARBON MONOXIDE'
4 non-polymer GLYCEROL
5 non-polymer '(2S)-2-[[(1R,4aR,4bR,10aR)-1,4a-dimethyl-7-propan-2-yl-2,3,4,4b,5,6,10,10a-octahydrophenanthren-1-yl]carbonylamino]-3-( 1H-indol-3-yl)propanoic acid'
6 water water
#
_entity_poly.entity_id   1
_entity_poly.type   'polypeptide(L)'
_entity_poly.pdbx_seq_one_letter_code
;MTIKEMPQPKTFGELKNLPLLNTDKPVQALMKIADELGEIFKFEAPGRVTRYLSSQRLIKEACDESRFDKNLSQALKFVR
DFAGDGLFTSWTHEKNWKKAHNILLPSFSQQAMKGYHAMMVDIAVQLVQKWERLNADEHIEVPEDMTRLTLDTIGLCGFN
YRFNSFYRDQPHPFITSMVRALDEAMNKLQRANPDDPAYDENKRQFQEDIKVMNDLVDKIIADRKASGEQSDDLLTHMLN
GKDPETGEPLDDENIRYQIITFLIAGHETTSGLLSFALYFLVKNPHVLQKAAEEAARVLVDPVPSYKQVKQLKYVGMVLN
EALRLWPTAPAFSLYAKEDTVLGGEYPLEKGDELMVLIPQLHRDKTIWGDDVEEFRPERFENPSAIPQHAFKPFGNGQRA
CIGQQFALHEATLVLGMMLKHFDFEDHTNYELDIKETLTLKPEGFVVKAKSKKIPL
;
_entity_poly.pdbx_strand_id   A,B
#
# COMPACT_ATOMS: atom_id res chain seq x y z
N THR A 2 -50.50 27.44 -18.04
CA THR A 2 -51.09 28.82 -18.23
C THR A 2 -50.76 29.70 -17.02
N ILE A 3 -49.50 30.10 -16.88
CA ILE A 3 -48.93 30.82 -15.71
C ILE A 3 -49.40 30.11 -14.43
N LYS A 4 -48.87 28.90 -14.22
CA LYS A 4 -49.15 28.00 -13.06
C LYS A 4 -48.34 28.49 -11.86
N GLU A 5 -48.90 28.35 -10.65
CA GLU A 5 -48.20 28.64 -9.38
C GLU A 5 -47.24 27.47 -9.08
N MET A 6 -46.00 27.77 -8.76
CA MET A 6 -44.95 26.76 -8.57
C MET A 6 -45.07 26.14 -7.18
N PRO A 7 -45.10 24.80 -7.05
CA PRO A 7 -45.05 24.17 -5.74
C PRO A 7 -43.76 24.50 -4.98
N GLN A 8 -43.82 24.43 -3.65
CA GLN A 8 -42.68 24.68 -2.73
C GLN A 8 -42.75 23.67 -1.59
N PRO A 9 -41.61 23.03 -1.21
CA PRO A 9 -41.61 22.12 -0.07
C PRO A 9 -41.82 22.90 1.24
N LYS A 10 -41.90 22.15 2.34
CA LYS A 10 -42.23 22.70 3.69
C LYS A 10 -41.17 23.72 4.12
N THR A 11 -41.61 24.76 4.83
CA THR A 11 -40.81 25.90 5.30
C THR A 11 -40.65 25.89 6.82
N PHE A 12 -39.66 26.66 7.25
CA PHE A 12 -39.16 26.75 8.64
C PHE A 12 -39.06 28.23 8.99
N GLY A 13 -40.20 28.92 8.91
CA GLY A 13 -40.30 30.38 9.12
C GLY A 13 -39.24 31.13 8.33
N GLU A 14 -38.48 31.95 9.05
N GLU A 14 -38.44 31.95 9.02
CA GLU A 14 -37.41 32.88 8.55
CA GLU A 14 -37.47 32.88 8.40
C GLU A 14 -36.36 32.10 7.75
C GLU A 14 -36.33 32.10 7.71
N LEU A 15 -36.14 30.82 8.05
CA LEU A 15 -35.13 29.96 7.38
C LEU A 15 -35.67 29.40 6.07
N LYS A 16 -36.96 29.60 5.78
CA LYS A 16 -37.63 29.18 4.52
C LYS A 16 -37.34 27.70 4.32
N ASN A 17 -36.76 27.25 3.19
CA ASN A 17 -36.54 25.81 2.94
C ASN A 17 -35.14 25.38 3.39
N LEU A 18 -34.30 26.30 3.89
CA LEU A 18 -32.86 26.05 4.15
C LEU A 18 -32.68 24.77 4.98
N PRO A 19 -33.44 24.52 6.08
CA PRO A 19 -33.23 23.33 6.88
C PRO A 19 -33.47 21.99 6.18
N LEU A 20 -34.15 21.95 5.04
CA LEU A 20 -34.30 20.68 4.27
C LEU A 20 -32.93 20.17 3.81
N LEU A 21 -31.93 21.04 3.72
CA LEU A 21 -30.55 20.63 3.30
C LEU A 21 -29.70 20.23 4.51
N ASN A 22 -30.26 20.32 5.73
CA ASN A 22 -29.55 19.88 6.97
C ASN A 22 -29.65 18.35 7.04
N THR A 23 -28.93 17.67 6.15
CA THR A 23 -28.89 16.21 5.99
C THR A 23 -27.56 15.86 5.34
N ASP A 24 -27.09 14.64 5.57
N ASP A 24 -27.07 14.64 5.54
CA ASP A 24 -25.87 14.08 4.95
CA ASP A 24 -25.84 14.14 4.89
C ASP A 24 -26.19 13.65 3.50
C ASP A 24 -26.18 13.63 3.49
N LYS A 25 -27.47 13.63 3.11
CA LYS A 25 -27.89 13.14 1.76
C LYS A 25 -28.84 14.16 1.11
N PRO A 26 -28.37 15.39 0.82
CA PRO A 26 -29.24 16.42 0.27
C PRO A 26 -29.84 16.13 -1.12
N VAL A 27 -29.08 15.53 -2.02
CA VAL A 27 -29.61 15.18 -3.38
C VAL A 27 -30.73 14.14 -3.20
N GLN A 28 -30.50 13.11 -2.39
CA GLN A 28 -31.55 12.09 -2.14
C GLN A 28 -32.77 12.76 -1.48
N ALA A 29 -32.59 13.77 -0.61
CA ALA A 29 -33.70 14.55 0.00
C ALA A 29 -34.45 15.31 -1.11
N LEU A 30 -33.72 15.92 -2.04
CA LEU A 30 -34.35 16.74 -3.11
C LEU A 30 -35.12 15.82 -4.08
N MET A 31 -34.63 14.60 -4.30
CA MET A 31 -35.29 13.59 -5.17
C MET A 31 -36.65 13.22 -4.56
N LYS A 32 -36.69 13.02 -3.25
CA LYS A 32 -37.96 12.67 -2.57
C LYS A 32 -38.94 13.86 -2.69
N ILE A 33 -38.46 15.09 -2.56
CA ILE A 33 -39.31 16.31 -2.76
C ILE A 33 -39.85 16.33 -4.19
N ALA A 34 -39.01 16.07 -5.17
CA ALA A 34 -39.44 16.03 -6.59
C ALA A 34 -40.48 14.92 -6.80
N ASP A 35 -40.31 13.75 -6.16
CA ASP A 35 -41.34 12.66 -6.23
C ASP A 35 -42.70 13.19 -5.74
N GLU A 36 -42.68 14.00 -4.68
N GLU A 36 -42.69 13.98 -4.66
CA GLU A 36 -43.90 14.53 -4.01
CA GLU A 36 -43.91 14.54 -4.03
C GLU A 36 -44.49 15.73 -4.77
C GLU A 36 -44.50 15.67 -4.90
N LEU A 37 -43.66 16.63 -5.33
CA LEU A 37 -44.09 17.93 -5.88
C LEU A 37 -44.13 17.93 -7.42
N GLY A 38 -43.41 17.01 -8.07
CA GLY A 38 -43.41 16.83 -9.54
C GLY A 38 -42.26 17.55 -10.23
N GLU A 39 -42.50 17.99 -11.45
CA GLU A 39 -41.45 18.33 -12.44
C GLU A 39 -40.72 19.63 -12.09
N ILE A 40 -41.27 20.46 -11.20
CA ILE A 40 -40.67 21.78 -10.85
C ILE A 40 -41.11 22.19 -9.44
N PHE A 41 -40.16 22.68 -8.65
CA PHE A 41 -40.49 23.29 -7.33
C PHE A 41 -39.48 24.41 -7.02
N LYS A 42 -39.98 25.39 -6.28
CA LYS A 42 -39.22 26.55 -5.76
C LYS A 42 -38.51 26.09 -4.48
N PHE A 43 -37.26 26.49 -4.32
CA PHE A 43 -36.48 26.29 -3.08
C PHE A 43 -35.96 27.66 -2.66
N GLU A 44 -36.31 28.10 -1.46
CA GLU A 44 -35.96 29.45 -0.95
C GLU A 44 -35.10 29.30 0.29
N ALA A 45 -34.05 30.11 0.39
CA ALA A 45 -33.32 30.36 1.65
C ALA A 45 -33.23 31.86 1.82
N PRO A 46 -32.84 32.38 3.01
CA PRO A 46 -32.63 33.82 3.15
C PRO A 46 -31.72 34.31 2.03
N GLY A 47 -32.24 35.21 1.19
CA GLY A 47 -31.47 35.96 0.17
C GLY A 47 -31.40 35.26 -1.18
N ARG A 48 -31.85 34.00 -1.30
CA ARG A 48 -31.68 33.21 -2.56
C ARG A 48 -32.91 32.37 -2.89
N VAL A 49 -33.11 32.12 -4.19
CA VAL A 49 -34.17 31.21 -4.70
C VAL A 49 -33.61 30.41 -5.88
N THR A 50 -33.98 29.13 -5.96
N THR A 50 -33.97 29.12 -5.93
CA THR A 50 -33.68 28.30 -7.14
CA THR A 50 -33.64 28.17 -7.02
C THR A 50 -34.86 27.37 -7.42
C THR A 50 -34.93 27.45 -7.43
N ARG A 51 -35.01 27.03 -8.69
CA ARG A 51 -36.14 26.21 -9.20
C ARG A 51 -35.54 24.87 -9.65
N TYR A 52 -35.93 23.80 -8.98
CA TYR A 52 -35.51 22.42 -9.26
C TYR A 52 -36.37 21.83 -10.37
N LEU A 53 -35.73 21.44 -11.47
CA LEU A 53 -36.40 20.80 -12.63
C LEU A 53 -36.10 19.30 -12.63
N SER A 54 -37.12 18.50 -12.93
CA SER A 54 -37.05 17.01 -12.92
C SER A 54 -37.59 16.34 -14.19
N SER A 55 -38.33 17.05 -15.06
N SER A 55 -38.29 17.08 -15.07
CA SER A 55 -38.94 16.46 -16.27
CA SER A 55 -38.93 16.51 -16.29
C SER A 55 -38.10 16.76 -17.51
C SER A 55 -38.04 16.77 -17.51
N GLN A 56 -38.05 15.82 -18.43
CA GLN A 56 -37.47 16.02 -19.79
C GLN A 56 -38.25 17.17 -20.45
N ARG A 57 -39.56 17.29 -20.21
CA ARG A 57 -40.39 18.37 -20.81
C ARG A 57 -39.76 19.76 -20.52
N LEU A 58 -39.38 20.06 -19.27
CA LEU A 58 -38.83 21.41 -18.92
C LEU A 58 -37.32 21.44 -19.15
N ILE A 59 -36.64 20.32 -18.94
CA ILE A 59 -35.16 20.32 -19.04
C ILE A 59 -34.73 20.51 -20.50
N LYS A 60 -35.47 19.99 -21.48
CA LYS A 60 -35.11 20.19 -22.91
C LYS A 60 -35.14 21.69 -23.22
N GLU A 61 -36.02 22.45 -22.55
CA GLU A 61 -36.05 23.94 -22.69
C GLU A 61 -34.86 24.56 -21.96
N ALA A 62 -34.57 24.10 -20.74
CA ALA A 62 -33.46 24.63 -19.92
C ALA A 62 -32.12 24.45 -20.68
N CYS A 63 -32.03 23.44 -21.53
CA CYS A 63 -30.81 23.10 -22.31
C CYS A 63 -30.65 23.96 -23.57
N ASP A 64 -31.57 24.88 -23.85
CA ASP A 64 -31.44 25.88 -24.94
C ASP A 64 -30.39 26.92 -24.55
N GLU A 65 -29.21 26.87 -25.16
CA GLU A 65 -28.08 27.77 -24.81
C GLU A 65 -28.38 29.22 -25.21
N SER A 66 -29.34 29.46 -26.11
CA SER A 66 -29.74 30.85 -26.46
C SER A 66 -30.50 31.50 -25.30
N ARG A 67 -31.10 30.70 -24.41
CA ARG A 67 -31.96 31.20 -23.30
C ARG A 67 -31.31 31.05 -21.92
N PHE A 68 -30.44 30.06 -21.73
CA PHE A 68 -29.89 29.71 -20.39
C PHE A 68 -28.41 29.42 -20.53
N ASP A 69 -27.61 29.94 -19.60
CA ASP A 69 -26.14 29.73 -19.50
C ASP A 69 -25.86 28.98 -18.20
N LYS A 70 -24.70 28.34 -18.11
CA LYS A 70 -24.25 27.66 -16.88
C LYS A 70 -24.18 28.69 -15.74
N ASN A 71 -24.75 28.32 -14.60
CA ASN A 71 -24.71 29.08 -13.34
C ASN A 71 -23.73 28.39 -12.39
N LEU A 72 -22.99 29.16 -11.61
CA LEU A 72 -22.31 28.61 -10.41
C LEU A 72 -23.35 28.52 -9.30
N SER A 73 -23.84 27.31 -9.05
CA SER A 73 -24.62 26.94 -7.85
C SER A 73 -23.85 27.38 -6.59
N GLN A 74 -24.54 27.53 -5.47
CA GLN A 74 -23.85 27.80 -4.19
C GLN A 74 -22.73 26.76 -3.97
N ALA A 75 -23.00 25.47 -4.22
CA ALA A 75 -21.99 24.40 -4.10
C ALA A 75 -20.75 24.76 -4.92
N LEU A 76 -20.92 25.19 -6.16
CA LEU A 76 -19.74 25.50 -7.00
C LEU A 76 -19.09 26.80 -6.54
N LYS A 77 -19.84 27.73 -5.96
CA LYS A 77 -19.22 28.97 -5.44
C LYS A 77 -18.26 28.59 -4.30
N PHE A 78 -18.64 27.62 -3.48
CA PHE A 78 -17.80 27.15 -2.34
C PHE A 78 -16.62 26.36 -2.89
N VAL A 79 -16.81 25.55 -3.94
CA VAL A 79 -15.67 24.81 -4.56
C VAL A 79 -14.70 25.80 -5.20
N ARG A 80 -15.19 26.89 -5.78
CA ARG A 80 -14.34 27.91 -6.42
C ARG A 80 -13.34 28.47 -5.40
N ASP A 81 -13.63 28.36 -4.10
CA ASP A 81 -12.64 28.77 -3.07
C ASP A 81 -11.29 28.07 -3.32
N PHE A 82 -11.24 26.86 -3.89
CA PHE A 82 -9.95 26.19 -4.21
C PHE A 82 -9.79 25.89 -5.70
N ALA A 83 -10.86 25.90 -6.50
CA ALA A 83 -10.76 25.54 -7.94
C ALA A 83 -10.74 26.81 -8.80
N GLY A 84 -10.97 27.97 -8.18
CA GLY A 84 -10.82 29.30 -8.84
C GLY A 84 -11.52 29.36 -10.18
N ASP A 85 -10.86 29.91 -11.19
CA ASP A 85 -11.41 30.05 -12.57
C ASP A 85 -10.84 28.94 -13.44
N GLY A 86 -10.67 27.75 -12.86
CA GLY A 86 -10.52 26.53 -13.66
C GLY A 86 -11.77 26.30 -14.50
N LEU A 87 -11.73 25.35 -15.41
CA LEU A 87 -12.85 25.16 -16.37
C LEU A 87 -14.18 24.89 -15.65
N PHE A 88 -14.21 24.17 -14.55
CA PHE A 88 -15.47 23.66 -13.92
C PHE A 88 -16.14 24.80 -13.17
N THR A 89 -15.37 25.74 -12.62
CA THR A 89 -15.93 26.77 -11.70
C THR A 89 -15.76 28.18 -12.28
N SER A 90 -15.51 28.30 -13.58
N SER A 90 -15.54 28.28 -13.60
CA SER A 90 -15.50 29.61 -14.30
CA SER A 90 -15.54 29.57 -14.35
C SER A 90 -16.88 29.88 -14.91
C SER A 90 -16.93 29.87 -14.89
N TRP A 91 -17.28 31.15 -14.97
CA TRP A 91 -18.44 31.62 -15.76
C TRP A 91 -18.05 31.56 -17.24
N THR A 92 -19.02 31.32 -18.10
CA THR A 92 -18.80 31.24 -19.56
C THR A 92 -18.19 32.56 -20.06
N HIS A 93 -18.54 33.69 -19.44
CA HIS A 93 -18.16 35.04 -19.92
C HIS A 93 -16.78 35.46 -19.38
N GLU A 94 -16.19 34.70 -18.46
CA GLU A 94 -14.82 35.02 -18.00
C GLU A 94 -13.83 34.63 -19.11
N LYS A 95 -12.88 35.52 -19.42
CA LYS A 95 -11.86 35.30 -20.48
C LYS A 95 -11.25 33.89 -20.34
N ASN A 96 -10.91 33.47 -19.13
CA ASN A 96 -10.16 32.21 -18.91
C ASN A 96 -11.00 30.99 -19.24
N TRP A 97 -12.32 31.08 -19.33
CA TRP A 97 -13.15 29.89 -19.67
C TRP A 97 -12.86 29.51 -21.14
N LYS A 98 -13.20 30.38 -22.09
CA LYS A 98 -13.02 30.05 -23.54
C LYS A 98 -11.53 29.83 -23.82
N LYS A 99 -10.64 30.63 -23.23
CA LYS A 99 -9.18 30.50 -23.46
C LYS A 99 -8.71 29.09 -23.05
N ALA A 100 -9.01 28.67 -21.83
CA ALA A 100 -8.60 27.33 -21.33
C ALA A 100 -9.30 26.25 -22.16
N HIS A 101 -10.58 26.45 -22.47
CA HIS A 101 -11.33 25.49 -23.31
C HIS A 101 -10.57 25.28 -24.63
N ASN A 102 -10.23 26.36 -25.33
CA ASN A 102 -9.54 26.26 -26.65
C ASN A 102 -8.21 25.52 -26.49
N ILE A 103 -7.47 25.83 -25.42
CA ILE A 103 -6.11 25.29 -25.18
C ILE A 103 -6.19 23.81 -24.81
N LEU A 104 -7.21 23.41 -24.03
CA LEU A 104 -7.22 22.04 -23.45
C LEU A 104 -8.08 21.08 -24.25
N LEU A 105 -9.01 21.53 -25.09
CA LEU A 105 -9.87 20.58 -25.85
C LEU A 105 -9.02 19.58 -26.64
N PRO A 106 -7.91 19.98 -27.31
CA PRO A 106 -7.08 19.01 -28.03
C PRO A 106 -6.44 17.92 -27.15
N SER A 107 -6.33 18.16 -25.85
CA SER A 107 -5.83 17.16 -24.86
C SER A 107 -6.88 16.06 -24.69
N PHE A 108 -8.08 16.23 -25.27
CA PHE A 108 -9.11 15.15 -25.35
C PHE A 108 -9.40 14.77 -26.81
N SER A 109 -8.46 14.97 -27.73
CA SER A 109 -8.59 14.48 -29.14
C SER A 109 -8.44 12.96 -29.17
N GLN A 110 -8.98 12.34 -30.22
CA GLN A 110 -8.73 10.90 -30.48
C GLN A 110 -7.22 10.63 -30.40
N GLN A 111 -6.38 11.46 -31.04
CA GLN A 111 -4.90 11.27 -31.02
C GLN A 111 -4.42 11.24 -29.56
N ALA A 112 -4.94 12.16 -28.74
CA ALA A 112 -4.62 12.27 -27.30
C ALA A 112 -5.07 11.00 -26.53
N MET A 113 -6.28 10.49 -26.76
N MET A 113 -6.28 10.49 -26.76
CA MET A 113 -6.79 9.30 -26.03
CA MET A 113 -6.81 9.30 -26.03
C MET A 113 -5.93 8.07 -26.36
C MET A 113 -5.95 8.07 -26.37
N LYS A 114 -5.52 7.95 -27.63
CA LYS A 114 -4.64 6.85 -28.05
C LYS A 114 -3.33 6.96 -27.27
N GLY A 115 -2.87 8.18 -27.00
CA GLY A 115 -1.63 8.46 -26.27
C GLY A 115 -1.73 8.17 -24.78
N TYR A 116 -2.92 8.34 -24.19
CA TYR A 116 -3.20 8.08 -22.76
C TYR A 116 -3.35 6.58 -22.49
N HIS A 117 -3.73 5.80 -23.50
CA HIS A 117 -4.18 4.40 -23.31
C HIS A 117 -3.14 3.59 -22.52
N ALA A 118 -1.88 3.61 -22.92
CA ALA A 118 -0.83 2.78 -22.26
C ALA A 118 -0.79 3.08 -20.75
N MET A 119 -0.90 4.36 -20.37
N MET A 119 -0.90 4.35 -20.35
CA MET A 119 -0.79 4.73 -18.94
CA MET A 119 -0.75 4.68 -18.91
C MET A 119 -2.08 4.32 -18.20
C MET A 119 -2.08 4.39 -18.18
N MET A 120 -3.24 4.37 -18.87
CA MET A 120 -4.49 3.84 -18.26
C MET A 120 -4.29 2.34 -18.01
N VAL A 121 -3.64 1.65 -18.94
CA VAL A 121 -3.42 0.18 -18.79
C VAL A 121 -2.48 -0.07 -17.61
N ASP A 122 -1.47 0.77 -17.41
CA ASP A 122 -0.48 0.66 -16.30
C ASP A 122 -1.28 0.58 -14.99
N ILE A 123 -2.19 1.52 -14.79
CA ILE A 123 -2.95 1.55 -13.51
C ILE A 123 -3.96 0.39 -13.46
N ALA A 124 -4.66 0.10 -14.55
CA ALA A 124 -5.64 -1.02 -14.57
C ALA A 124 -4.97 -2.34 -14.20
N VAL A 125 -3.78 -2.58 -14.75
CA VAL A 125 -2.98 -3.79 -14.43
C VAL A 125 -2.67 -3.81 -12.92
N GLN A 126 -2.31 -2.68 -12.33
CA GLN A 126 -2.10 -2.65 -10.85
C GLN A 126 -3.37 -3.07 -10.11
N LEU A 127 -4.55 -2.67 -10.57
CA LEU A 127 -5.82 -3.07 -9.91
C LEU A 127 -5.99 -4.58 -10.05
N VAL A 128 -5.86 -5.10 -11.26
CA VAL A 128 -6.07 -6.56 -11.47
C VAL A 128 -5.08 -7.35 -10.62
N GLN A 129 -3.81 -6.94 -10.59
N GLN A 129 -3.80 -6.96 -10.61
CA GLN A 129 -2.75 -7.62 -9.81
CA GLN A 129 -2.77 -7.67 -9.80
C GLN A 129 -3.07 -7.58 -8.31
C GLN A 129 -3.18 -7.62 -8.32
N LYS A 130 -3.60 -6.46 -7.82
CA LYS A 130 -4.04 -6.37 -6.40
C LYS A 130 -5.08 -7.48 -6.12
N TRP A 131 -6.09 -7.60 -6.99
CA TRP A 131 -7.20 -8.55 -6.71
C TRP A 131 -6.72 -9.99 -6.91
N GLU A 132 -5.82 -10.23 -7.86
CA GLU A 132 -5.25 -11.60 -8.08
C GLU A 132 -4.50 -12.03 -6.79
N ARG A 133 -3.98 -11.08 -6.02
CA ARG A 133 -3.06 -11.35 -4.89
C ARG A 133 -3.81 -11.46 -3.56
N LEU A 134 -5.14 -11.31 -3.57
CA LEU A 134 -5.93 -11.47 -2.33
C LEU A 134 -5.94 -12.94 -1.94
N ASN A 135 -5.97 -13.19 -0.64
CA ASN A 135 -6.06 -14.56 -0.09
C ASN A 135 -7.52 -15.02 -0.12
N ALA A 136 -7.73 -16.32 0.15
CA ALA A 136 -9.05 -16.96 0.28
C ALA A 136 -9.96 -16.11 1.19
N ASP A 137 -11.21 -15.90 0.75
CA ASP A 137 -12.28 -15.27 1.56
C ASP A 137 -11.97 -13.82 1.94
N GLU A 138 -10.84 -13.24 1.48
CA GLU A 138 -10.64 -11.77 1.53
C GLU A 138 -11.62 -11.14 0.54
N HIS A 139 -12.08 -9.94 0.87
CA HIS A 139 -13.03 -9.17 0.02
C HIS A 139 -12.36 -7.91 -0.55
N ILE A 140 -13.09 -7.27 -1.43
CA ILE A 140 -12.71 -6.00 -2.11
C ILE A 140 -13.61 -4.89 -1.55
N GLU A 141 -13.00 -3.77 -1.18
CA GLU A 141 -13.67 -2.50 -0.84
C GLU A 141 -13.80 -1.73 -2.14
N VAL A 142 -14.97 -1.77 -2.76
CA VAL A 142 -15.11 -1.38 -4.20
C VAL A 142 -14.85 0.12 -4.39
N PRO A 143 -15.60 1.06 -3.78
CA PRO A 143 -15.33 2.48 -4.02
C PRO A 143 -13.90 2.89 -3.65
N GLU A 144 -13.33 2.28 -2.60
CA GLU A 144 -11.95 2.55 -2.19
C GLU A 144 -10.98 2.17 -3.33
N ASP A 145 -11.10 0.96 -3.89
CA ASP A 145 -10.19 0.53 -4.99
C ASP A 145 -10.49 1.31 -6.28
N MET A 146 -11.74 1.64 -6.56
CA MET A 146 -12.06 2.42 -7.78
C MET A 146 -11.44 3.81 -7.66
N THR A 147 -11.41 4.41 -6.48
CA THR A 147 -10.83 5.74 -6.24
C THR A 147 -9.30 5.65 -6.38
N ARG A 148 -8.69 4.57 -5.88
CA ARG A 148 -7.24 4.34 -6.08
C ARG A 148 -6.95 4.37 -7.59
N LEU A 149 -7.75 3.64 -8.36
CA LEU A 149 -7.51 3.53 -9.83
C LEU A 149 -7.74 4.89 -10.49
N THR A 150 -8.84 5.57 -10.21
CA THR A 150 -9.17 6.74 -11.04
C THR A 150 -8.23 7.90 -10.72
N LEU A 151 -7.89 8.07 -9.44
CA LEU A 151 -6.95 9.15 -9.06
C LEU A 151 -5.60 8.87 -9.74
N ASP A 152 -5.11 7.64 -9.63
CA ASP A 152 -3.79 7.31 -10.21
C ASP A 152 -3.80 7.53 -11.73
N THR A 153 -4.92 7.25 -12.38
CA THR A 153 -5.01 7.35 -13.85
C THR A 153 -4.90 8.82 -14.24
N ILE A 154 -5.65 9.72 -13.58
CA ILE A 154 -5.60 11.14 -14.01
C ILE A 154 -4.21 11.69 -13.63
N GLY A 155 -3.62 11.22 -12.52
CA GLY A 155 -2.28 11.68 -12.11
C GLY A 155 -1.26 11.35 -13.19
N LEU A 156 -1.29 10.10 -13.66
CA LEU A 156 -0.24 9.58 -14.57
C LEU A 156 -0.49 10.10 -15.99
N CYS A 157 -1.71 9.93 -16.50
CA CYS A 157 -2.06 10.32 -17.89
C CYS A 157 -1.95 11.83 -18.03
N GLY A 158 -2.42 12.56 -17.01
CA GLY A 158 -2.53 14.02 -17.11
C GLY A 158 -1.21 14.72 -16.83
N PHE A 159 -0.42 14.20 -15.89
CA PHE A 159 0.65 15.01 -15.22
C PHE A 159 1.93 14.21 -15.04
N ASN A 160 1.95 12.97 -15.51
CA ASN A 160 3.12 12.06 -15.35
C ASN A 160 3.51 12.03 -13.87
N TYR A 161 2.51 11.99 -12.98
CA TYR A 161 2.74 11.93 -11.51
C TYR A 161 2.13 10.65 -10.95
N ARG A 162 2.89 9.92 -10.13
CA ARG A 162 2.40 8.64 -9.53
C ARG A 162 1.95 8.89 -8.10
N PHE A 163 0.64 8.89 -7.88
CA PHE A 163 0.08 8.95 -6.50
C PHE A 163 0.41 7.63 -5.77
N ASN A 164 0.61 6.55 -6.51
CA ASN A 164 0.98 5.22 -5.95
C ASN A 164 -0.11 4.79 -4.94
N SER A 165 -1.38 4.93 -5.31
CA SER A 165 -2.50 4.67 -4.38
C SER A 165 -2.59 3.18 -4.03
N PHE A 166 -2.14 2.28 -4.90
CA PHE A 166 -2.15 0.81 -4.61
C PHE A 166 -1.00 0.42 -3.68
N TYR A 167 -0.15 1.36 -3.29
CA TYR A 167 0.94 1.13 -2.29
C TYR A 167 0.50 1.60 -0.89
N ARG A 168 -0.75 2.04 -0.75
CA ARG A 168 -1.27 2.72 0.46
C ARG A 168 -2.52 1.99 0.94
N ASP A 169 -2.61 1.68 2.23
CA ASP A 169 -3.79 1.00 2.82
C ASP A 169 -4.80 2.08 3.23
N GLN A 170 -4.33 3.34 3.35
CA GLN A 170 -5.16 4.54 3.59
C GLN A 170 -5.21 5.37 2.30
N PRO A 171 -6.22 6.25 2.11
CA PRO A 171 -6.20 7.15 0.95
C PRO A 171 -4.97 8.07 0.89
N HIS A 172 -4.56 8.50 -0.31
CA HIS A 172 -3.51 9.53 -0.52
C HIS A 172 -3.95 10.78 0.24
N PRO A 173 -3.01 11.54 0.85
CA PRO A 173 -3.35 12.75 1.60
C PRO A 173 -4.26 13.64 0.76
N PHE A 174 -4.00 13.71 -0.57
CA PHE A 174 -4.81 14.50 -1.50
C PHE A 174 -6.30 14.14 -1.31
N ILE A 175 -6.62 12.84 -1.38
N ILE A 175 -6.67 12.86 -1.33
CA ILE A 175 -8.03 12.33 -1.32
CA ILE A 175 -8.11 12.50 -1.36
C ILE A 175 -8.66 12.72 0.02
C ILE A 175 -8.73 12.68 0.05
N THR A 176 -7.96 12.49 1.13
CA THR A 176 -8.43 12.80 2.50
C THR A 176 -8.83 14.30 2.61
N SER A 177 -7.96 15.21 2.16
N SER A 177 -7.90 15.20 2.28
CA SER A 177 -8.19 16.69 2.13
CA SER A 177 -8.18 16.65 2.14
C SER A 177 -9.28 17.09 1.12
C SER A 177 -9.41 16.86 1.24
N MET A 178 -9.34 16.42 -0.02
CA MET A 178 -10.33 16.78 -1.07
C MET A 178 -11.71 16.36 -0.56
N VAL A 179 -11.81 15.16 0.00
CA VAL A 179 -13.13 14.65 0.49
C VAL A 179 -13.64 15.61 1.58
N ARG A 180 -12.75 16.12 2.43
CA ARG A 180 -13.13 16.99 3.58
C ARG A 180 -13.57 18.38 3.09
N ALA A 181 -12.94 18.86 2.01
CA ALA A 181 -13.24 20.16 1.36
C ALA A 181 -14.62 20.08 0.72
N LEU A 182 -14.87 18.99 0.01
CA LEU A 182 -16.18 18.71 -0.63
C LEU A 182 -17.26 18.62 0.46
N ASP A 183 -16.97 17.90 1.56
N ASP A 183 -16.99 17.87 1.54
CA ASP A 183 -17.91 17.67 2.69
CA ASP A 183 -17.90 17.69 2.70
C ASP A 183 -18.17 19.00 3.41
C ASP A 183 -18.19 19.06 3.32
N GLU A 184 -17.13 19.84 3.56
CA GLU A 184 -17.26 21.22 4.08
C GLU A 184 -18.16 21.99 3.11
N ALA A 185 -17.87 21.98 1.79
CA ALA A 185 -18.66 22.73 0.80
C ALA A 185 -20.14 22.31 0.88
N MET A 186 -20.42 21.00 0.97
N MET A 186 -20.43 20.99 0.93
CA MET A 186 -21.82 20.50 1.07
CA MET A 186 -21.83 20.49 0.96
C MET A 186 -22.41 20.94 2.42
C MET A 186 -22.53 20.95 2.25
N ASN A 187 -21.60 20.98 3.47
N ASN A 187 -21.76 21.03 3.34
CA ASN A 187 -22.02 21.33 4.85
CA ASN A 187 -22.28 21.34 4.71
C ASN A 187 -22.47 22.80 4.89
C ASN A 187 -22.53 22.84 4.86
N LYS A 188 -21.70 23.69 4.24
CA LYS A 188 -21.96 25.16 4.23
C LYS A 188 -23.32 25.47 3.58
N LEU A 189 -23.85 24.58 2.74
CA LEU A 189 -25.13 24.81 2.01
C LEU A 189 -26.33 24.99 2.93
N GLN A 190 -26.34 24.31 4.09
N GLN A 190 -26.34 24.31 4.08
CA GLN A 190 -27.46 24.31 5.06
CA GLN A 190 -27.48 24.33 5.05
C GLN A 190 -27.19 25.32 6.19
C GLN A 190 -27.16 25.27 6.22
N ARG A 191 -26.00 25.92 6.18
CA ARG A 191 -25.45 26.72 7.31
C ARG A 191 -26.04 28.13 7.29
N ALA A 192 -27.08 28.38 8.10
CA ALA A 192 -27.50 29.75 8.45
C ALA A 192 -26.43 30.34 9.39
N ASN A 193 -26.02 31.59 9.16
CA ASN A 193 -24.98 32.30 9.95
C ASN A 193 -23.65 31.55 9.81
N PRO A 194 -23.03 31.58 8.60
CA PRO A 194 -21.71 30.97 8.37
C PRO A 194 -20.56 31.64 9.13
N ASP A 195 -20.81 32.81 9.73
CA ASP A 195 -19.81 33.63 10.47
C ASP A 195 -19.76 33.23 11.95
N ASP A 196 -20.75 32.45 12.43
CA ASP A 196 -20.80 31.92 13.82
C ASP A 196 -19.40 31.40 14.17
N PRO A 197 -18.84 31.74 15.36
CA PRO A 197 -17.56 31.19 15.82
C PRO A 197 -17.47 29.67 16.05
N ALA A 198 -18.62 28.98 16.13
CA ALA A 198 -18.73 27.50 16.17
C ALA A 198 -18.18 26.88 14.88
N TYR A 199 -17.93 27.70 13.84
CA TYR A 199 -17.43 27.27 12.50
C TYR A 199 -16.01 27.82 12.24
N ASP A 200 -15.33 28.37 13.25
CA ASP A 200 -13.95 28.92 13.09
C ASP A 200 -12.98 27.77 12.86
N GLU A 201 -13.18 26.63 13.54
CA GLU A 201 -12.38 25.40 13.34
C GLU A 201 -12.64 24.82 11.94
N ASN A 202 -13.91 24.77 11.51
CA ASN A 202 -14.31 24.34 10.14
C ASN A 202 -13.53 25.13 9.09
N LYS A 203 -13.42 26.45 9.28
N LYS A 203 -13.42 26.45 9.27
CA LYS A 203 -12.70 27.39 8.36
CA LYS A 203 -12.69 27.37 8.35
C LYS A 203 -11.19 27.07 8.37
C LYS A 203 -11.19 27.05 8.37
N ARG A 204 -10.62 26.93 9.56
CA ARG A 204 -9.20 26.57 9.78
C ARG A 204 -8.84 25.25 9.05
N GLN A 205 -9.71 24.25 9.20
CA GLN A 205 -9.59 22.89 8.62
C GLN A 205 -9.70 23.01 7.10
N PHE A 206 -10.70 23.75 6.61
CA PHE A 206 -10.87 24.05 5.16
C PHE A 206 -9.56 24.57 4.56
N GLN A 207 -9.02 25.65 5.14
CA GLN A 207 -7.77 26.30 4.66
C GLN A 207 -6.66 25.24 4.64
N GLU A 208 -6.61 24.39 5.68
CA GLU A 208 -5.62 23.30 5.82
C GLU A 208 -5.74 22.36 4.62
N ASP A 209 -6.96 21.87 4.34
CA ASP A 209 -7.25 20.95 3.21
C ASP A 209 -6.84 21.61 1.89
N ILE A 210 -7.13 22.91 1.71
CA ILE A 210 -6.74 23.68 0.49
C ILE A 210 -5.20 23.76 0.36
N LYS A 211 -4.51 23.85 1.49
CA LYS A 211 -3.01 23.88 1.54
C LYS A 211 -2.42 22.53 1.10
N VAL A 212 -3.05 21.42 1.51
CA VAL A 212 -2.64 20.02 1.14
C VAL A 212 -2.73 19.84 -0.38
N MET A 213 -3.86 20.20 -1.00
N MET A 213 -3.88 20.25 -0.95
CA MET A 213 -4.05 19.99 -2.46
CA MET A 213 -4.19 20.11 -2.41
C MET A 213 -3.11 20.92 -3.23
C MET A 213 -3.19 20.93 -3.22
N ASN A 214 -2.86 22.14 -2.75
CA ASN A 214 -2.00 23.13 -3.47
C ASN A 214 -0.52 22.77 -3.34
N ASP A 215 -0.11 22.16 -2.21
CA ASP A 215 1.28 21.66 -2.05
C ASP A 215 1.52 20.61 -3.14
N LEU A 216 0.61 19.65 -3.31
CA LEU A 216 0.73 18.57 -4.33
C LEU A 216 0.79 19.20 -5.74
N VAL A 217 0.05 20.28 -5.99
CA VAL A 217 0.03 20.96 -7.33
C VAL A 217 1.37 21.61 -7.61
N ASP A 218 1.91 22.39 -6.68
CA ASP A 218 3.20 23.07 -6.93
C ASP A 218 4.28 21.99 -7.14
N LYS A 219 4.10 20.77 -6.59
CA LYS A 219 5.07 19.62 -6.72
C LYS A 219 4.94 18.97 -8.11
N ILE A 220 3.71 18.68 -8.55
CA ILE A 220 3.44 18.25 -9.97
C ILE A 220 4.12 19.25 -10.91
N ILE A 221 4.00 20.54 -10.63
N ILE A 221 3.97 20.54 -10.64
CA ILE A 221 4.55 21.62 -11.50
CA ILE A 221 4.56 21.63 -11.49
C ILE A 221 6.08 21.58 -11.43
C ILE A 221 6.08 21.48 -11.43
N ALA A 222 6.65 21.51 -10.22
CA ALA A 222 8.12 21.50 -10.00
C ALA A 222 8.76 20.29 -10.70
N ASP A 223 8.19 19.10 -10.50
CA ASP A 223 8.50 17.82 -11.21
C ASP A 223 8.67 18.09 -12.72
N ARG A 224 7.61 18.58 -13.37
CA ARG A 224 7.62 18.77 -14.84
C ARG A 224 8.70 19.81 -15.24
N LYS A 225 8.82 20.93 -14.53
CA LYS A 225 9.82 22.03 -14.79
C LYS A 225 11.23 21.47 -14.97
N ALA A 226 11.58 20.45 -14.18
CA ALA A 226 12.94 19.85 -14.10
C ALA A 226 13.17 18.90 -15.29
N SER A 227 12.26 18.91 -16.28
CA SER A 227 12.37 18.23 -17.60
C SER A 227 11.13 18.56 -18.45
N SER A 231 7.49 14.88 -22.41
CA SER A 231 6.05 14.52 -22.27
C SER A 231 5.21 15.31 -23.27
N ASP A 232 4.07 14.73 -23.67
CA ASP A 232 3.01 15.39 -24.48
C ASP A 232 1.66 15.04 -23.85
N ASP A 233 1.39 15.58 -22.66
CA ASP A 233 0.18 15.24 -21.87
C ASP A 233 -0.61 16.52 -21.54
N LEU A 234 -1.59 16.42 -20.64
CA LEU A 234 -2.47 17.55 -20.31
C LEU A 234 -1.63 18.70 -19.74
N LEU A 235 -0.68 18.39 -18.88
CA LEU A 235 0.17 19.41 -18.26
C LEU A 235 1.03 20.11 -19.33
N THR A 236 1.49 19.37 -20.35
CA THR A 236 2.21 19.96 -21.50
C THR A 236 1.38 21.11 -22.09
N HIS A 237 0.12 20.84 -22.44
CA HIS A 237 -0.81 21.82 -23.05
C HIS A 237 -1.09 22.98 -22.09
N MET A 238 -1.26 22.72 -20.79
CA MET A 238 -1.49 23.80 -19.80
C MET A 238 -0.27 24.75 -19.82
N LEU A 239 0.96 24.22 -19.89
CA LEU A 239 2.19 25.03 -19.69
C LEU A 239 2.59 25.70 -21.03
N ASN A 240 2.32 25.04 -22.17
CA ASN A 240 2.89 25.44 -23.50
C ASN A 240 1.83 25.89 -24.52
N GLY A 241 0.60 25.35 -24.44
CA GLY A 241 -0.40 25.53 -25.49
C GLY A 241 -0.83 26.98 -25.61
N LYS A 242 -1.13 27.42 -26.83
CA LYS A 242 -1.61 28.80 -27.05
C LYS A 242 -3.04 28.75 -27.58
N ASP A 243 -3.86 29.67 -27.07
CA ASP A 243 -5.23 29.87 -27.56
C ASP A 243 -5.13 30.39 -29.00
N PRO A 244 -5.70 29.69 -30.01
CA PRO A 244 -5.62 30.19 -31.38
C PRO A 244 -6.23 31.60 -31.53
N GLU A 245 -7.18 31.97 -30.67
CA GLU A 245 -7.90 33.27 -30.74
C GLU A 245 -6.94 34.41 -30.40
N THR A 246 -6.23 34.31 -29.27
CA THR A 246 -5.38 35.39 -28.69
C THR A 246 -3.90 35.15 -29.01
N GLY A 247 -3.50 33.89 -29.28
CA GLY A 247 -2.08 33.48 -29.39
C GLY A 247 -1.42 33.43 -28.02
N GLU A 248 -2.20 33.58 -26.96
CA GLU A 248 -1.73 33.60 -25.56
C GLU A 248 -1.83 32.21 -24.92
N PRO A 249 -0.84 31.86 -24.07
CA PRO A 249 -0.94 30.71 -23.18
C PRO A 249 -1.62 31.05 -21.84
N LEU A 250 -1.94 30.04 -21.02
CA LEU A 250 -2.54 30.23 -19.68
C LEU A 250 -1.50 30.84 -18.73
N ASP A 251 -1.93 31.64 -17.75
CA ASP A 251 -1.05 32.24 -16.71
C ASP A 251 -0.93 31.25 -15.55
N ASP A 252 0.12 31.42 -14.75
CA ASP A 252 0.50 30.50 -13.65
C ASP A 252 -0.67 30.29 -12.67
N GLU A 253 -1.37 31.36 -12.25
CA GLU A 253 -2.50 31.23 -11.29
C GLU A 253 -3.57 30.30 -11.91
N ASN A 254 -3.89 30.48 -13.19
CA ASN A 254 -4.94 29.66 -13.85
C ASN A 254 -4.48 28.21 -13.97
N ILE A 255 -3.22 28.01 -14.36
CA ILE A 255 -2.68 26.65 -14.53
C ILE A 255 -2.86 25.88 -13.22
N ARG A 256 -2.55 26.49 -12.07
N ARG A 256 -2.54 26.50 -12.07
CA ARG A 256 -2.68 25.83 -10.75
CA ARG A 256 -2.67 25.86 -10.73
C ARG A 256 -4.15 25.41 -10.57
C ARG A 256 -4.14 25.42 -10.57
N TYR A 257 -5.08 26.31 -10.88
CA TYR A 257 -6.53 26.02 -10.74
C TYR A 257 -6.93 24.86 -11.66
N GLN A 258 -6.38 24.81 -12.87
CA GLN A 258 -6.75 23.70 -13.83
C GLN A 258 -6.24 22.35 -13.30
N ILE A 259 -5.03 22.31 -12.71
CA ILE A 259 -4.51 21.03 -12.16
C ILE A 259 -5.43 20.55 -11.03
N ILE A 260 -5.75 21.42 -10.07
CA ILE A 260 -6.66 21.06 -8.95
C ILE A 260 -7.97 20.56 -9.55
N THR A 261 -8.50 21.27 -10.55
CA THR A 261 -9.81 20.94 -11.16
C THR A 261 -9.74 19.55 -11.78
N PHE A 262 -8.71 19.27 -12.58
CA PHE A 262 -8.65 17.98 -13.30
C PHE A 262 -8.37 16.85 -12.29
N LEU A 263 -7.63 17.07 -11.20
CA LEU A 263 -7.44 16.00 -10.18
C LEU A 263 -8.76 15.68 -9.49
N ILE A 264 -9.60 16.68 -9.25
CA ILE A 264 -10.90 16.44 -8.61
C ILE A 264 -11.87 15.91 -9.69
N ALA A 265 -12.15 16.71 -10.71
CA ALA A 265 -13.17 16.43 -11.76
C ALA A 265 -12.76 15.17 -12.50
N GLY A 266 -11.45 14.97 -12.64
CA GLY A 266 -10.92 13.87 -13.46
C GLY A 266 -10.79 12.54 -12.74
N HIS A 267 -11.18 12.41 -11.46
CA HIS A 267 -11.30 11.06 -10.84
C HIS A 267 -12.58 10.79 -10.03
N GLU A 268 -13.13 11.76 -9.29
CA GLU A 268 -14.13 11.46 -8.23
C GLU A 268 -15.38 10.85 -8.89
N THR A 269 -15.87 11.48 -9.94
CA THR A 269 -17.09 10.99 -10.60
C THR A 269 -16.81 9.65 -11.29
N THR A 270 -15.62 9.42 -11.85
CA THR A 270 -15.34 8.15 -12.60
C THR A 270 -15.29 7.01 -11.58
N SER A 271 -14.75 7.25 -10.38
N SER A 271 -14.74 7.25 -10.39
CA SER A 271 -14.73 6.20 -9.31
CA SER A 271 -14.73 6.25 -9.29
C SER A 271 -16.18 5.86 -8.90
C SER A 271 -16.18 5.86 -8.94
N GLY A 272 -17.05 6.85 -8.80
CA GLY A 272 -18.49 6.62 -8.53
C GLY A 272 -19.12 5.81 -9.64
N LEU A 273 -18.82 6.15 -10.90
CA LEU A 273 -19.42 5.42 -12.04
C LEU A 273 -19.00 3.95 -11.94
N LEU A 274 -17.72 3.66 -11.79
CA LEU A 274 -17.23 2.26 -11.76
C LEU A 274 -17.88 1.53 -10.57
N SER A 275 -18.03 2.21 -9.42
CA SER A 275 -18.62 1.60 -8.20
C SER A 275 -20.10 1.27 -8.47
N PHE A 276 -20.86 2.22 -9.01
CA PHE A 276 -22.29 1.97 -9.29
C PHE A 276 -22.43 0.87 -10.36
N ALA A 277 -21.58 0.87 -11.40
CA ALA A 277 -21.64 -0.12 -12.48
C ALA A 277 -21.45 -1.51 -11.88
N LEU A 278 -20.43 -1.69 -11.06
CA LEU A 278 -20.21 -3.03 -10.46
C LEU A 278 -21.38 -3.38 -9.53
N TYR A 279 -21.94 -2.43 -8.78
CA TYR A 279 -23.16 -2.63 -7.94
C TYR A 279 -24.31 -3.18 -8.80
N PHE A 280 -24.65 -2.50 -9.91
CA PHE A 280 -25.79 -2.91 -10.74
C PHE A 280 -25.47 -4.26 -11.37
N LEU A 281 -24.22 -4.50 -11.79
CA LEU A 281 -23.86 -5.80 -12.41
C LEU A 281 -24.06 -6.94 -11.38
N VAL A 282 -23.57 -6.82 -10.14
CA VAL A 282 -23.78 -7.93 -9.15
C VAL A 282 -25.26 -8.05 -8.77
N LYS A 283 -26.05 -6.98 -8.83
CA LYS A 283 -27.50 -7.03 -8.49
C LYS A 283 -28.34 -7.53 -9.68
N ASN A 284 -27.73 -7.68 -10.86
CA ASN A 284 -28.47 -8.05 -12.10
C ASN A 284 -27.66 -9.14 -12.81
N PRO A 285 -27.69 -10.40 -12.30
CA PRO A 285 -26.77 -11.41 -12.81
C PRO A 285 -26.84 -11.70 -14.32
N HIS A 286 -28.01 -11.57 -14.95
CA HIS A 286 -28.17 -11.77 -16.41
C HIS A 286 -27.39 -10.69 -17.18
N VAL A 287 -27.40 -9.46 -16.66
CA VAL A 287 -26.64 -8.33 -17.27
C VAL A 287 -25.14 -8.59 -17.07
N LEU A 288 -24.74 -8.97 -15.85
CA LEU A 288 -23.33 -9.32 -15.55
C LEU A 288 -22.86 -10.39 -16.56
N GLN A 289 -23.65 -11.44 -16.76
CA GLN A 289 -23.26 -12.56 -17.67
C GLN A 289 -23.04 -12.02 -19.10
N LYS A 290 -23.96 -11.21 -19.60
CA LYS A 290 -23.87 -10.65 -20.98
C LYS A 290 -22.60 -9.78 -21.09
N ALA A 291 -22.31 -8.94 -20.10
CA ALA A 291 -21.10 -8.08 -20.14
C ALA A 291 -19.84 -8.96 -20.08
N ALA A 292 -19.84 -9.98 -19.22
CA ALA A 292 -18.66 -10.86 -19.05
C ALA A 292 -18.43 -11.60 -20.38
N GLU A 293 -19.51 -12.02 -21.04
CA GLU A 293 -19.40 -12.71 -22.35
C GLU A 293 -18.70 -11.76 -23.34
N GLU A 294 -19.05 -10.48 -23.36
CA GLU A 294 -18.44 -9.52 -24.32
C GLU A 294 -16.95 -9.34 -23.99
N ALA A 295 -16.61 -9.14 -22.72
CA ALA A 295 -15.22 -8.93 -22.30
C ALA A 295 -14.37 -10.13 -22.75
N ALA A 296 -14.89 -11.34 -22.55
CA ALA A 296 -14.18 -12.59 -22.90
C ALA A 296 -13.95 -12.63 -24.41
N ARG A 297 -14.97 -12.28 -25.19
CA ARG A 297 -14.90 -12.38 -26.68
C ARG A 297 -13.92 -11.34 -27.23
N VAL A 298 -13.90 -10.12 -26.69
CA VAL A 298 -13.19 -8.95 -27.30
C VAL A 298 -11.74 -8.90 -26.81
N LEU A 299 -11.50 -9.11 -25.51
CA LEU A 299 -10.17 -8.85 -24.91
C LEU A 299 -9.34 -10.13 -24.97
N VAL A 300 -8.87 -10.43 -26.18
CA VAL A 300 -8.21 -11.73 -26.53
C VAL A 300 -6.70 -11.64 -26.30
N ASP A 301 -6.17 -10.48 -25.92
CA ASP A 301 -4.72 -10.25 -25.66
C ASP A 301 -4.50 -10.04 -24.16
N PRO A 302 -3.26 -10.27 -23.67
CA PRO A 302 -2.92 -10.04 -22.26
C PRO A 302 -3.17 -8.60 -21.78
N VAL A 303 -2.85 -7.64 -22.65
CA VAL A 303 -3.00 -6.16 -22.49
C VAL A 303 -4.12 -5.73 -23.43
N PRO A 304 -5.24 -5.09 -22.99
CA PRO A 304 -6.18 -4.53 -23.94
C PRO A 304 -5.57 -3.40 -24.80
N SER A 305 -5.95 -3.35 -26.08
CA SER A 305 -5.60 -2.26 -27.01
C SER A 305 -6.69 -1.18 -26.99
N TYR A 306 -6.35 0.00 -27.46
CA TYR A 306 -7.31 1.11 -27.69
C TYR A 306 -8.47 0.60 -28.56
N LYS A 307 -8.18 -0.07 -29.68
CA LYS A 307 -9.23 -0.57 -30.60
C LYS A 307 -10.15 -1.58 -29.91
N GLN A 308 -9.63 -2.47 -29.06
CA GLN A 308 -10.50 -3.46 -28.38
C GLN A 308 -11.45 -2.70 -27.45
N VAL A 309 -10.95 -1.70 -26.74
CA VAL A 309 -11.80 -0.97 -25.77
C VAL A 309 -12.95 -0.34 -26.56
N LYS A 310 -12.68 0.17 -27.76
CA LYS A 310 -13.74 0.79 -28.60
C LYS A 310 -14.78 -0.26 -29.00
N GLN A 311 -14.46 -1.56 -28.93
CA GLN A 311 -15.37 -2.66 -29.32
C GLN A 311 -16.16 -3.24 -28.13
N LEU A 312 -15.91 -2.78 -26.90
CA LEU A 312 -16.72 -3.20 -25.73
C LEU A 312 -18.01 -2.37 -25.71
N LYS A 313 -18.89 -2.60 -26.68
CA LYS A 313 -20.13 -1.80 -26.86
C LYS A 313 -21.10 -2.05 -25.70
N TYR A 314 -21.32 -3.30 -25.29
CA TYR A 314 -22.29 -3.64 -24.22
C TYR A 314 -21.76 -3.07 -22.90
N VAL A 315 -20.45 -3.16 -22.69
CA VAL A 315 -19.82 -2.55 -21.47
C VAL A 315 -20.09 -1.05 -21.50
N GLY A 316 -19.95 -0.40 -22.66
CA GLY A 316 -20.32 1.02 -22.82
C GLY A 316 -21.78 1.28 -22.47
N MET A 317 -22.71 0.42 -22.88
CA MET A 317 -24.14 0.53 -22.51
C MET A 317 -24.36 0.32 -21.01
N VAL A 318 -23.65 -0.62 -20.36
CA VAL A 318 -23.72 -0.81 -18.88
C VAL A 318 -23.32 0.51 -18.20
N LEU A 319 -22.25 1.15 -18.68
CA LEU A 319 -21.78 2.41 -18.05
C LEU A 319 -22.84 3.52 -18.23
N ASN A 320 -23.44 3.62 -19.42
CA ASN A 320 -24.51 4.64 -19.63
C ASN A 320 -25.71 4.33 -18.74
N GLU A 321 -26.09 3.05 -18.56
CA GLU A 321 -27.26 2.70 -17.71
C GLU A 321 -26.94 2.97 -16.23
N ALA A 322 -25.68 2.82 -15.79
CA ALA A 322 -25.29 3.22 -14.41
C ALA A 322 -25.39 4.74 -14.27
N LEU A 323 -24.95 5.51 -15.28
CA LEU A 323 -25.07 6.99 -15.27
C LEU A 323 -26.55 7.38 -15.33
N ARG A 324 -27.42 6.58 -15.96
CA ARG A 324 -28.86 6.92 -15.98
C ARG A 324 -29.41 6.88 -14.54
N LEU A 325 -29.24 5.77 -13.82
CA LEU A 325 -29.86 5.67 -12.48
C LEU A 325 -29.11 6.48 -11.42
N TRP A 326 -27.78 6.54 -11.47
CA TRP A 326 -27.00 7.29 -10.45
C TRP A 326 -25.91 8.13 -11.10
N PRO A 327 -26.29 9.25 -11.77
CA PRO A 327 -25.31 10.15 -12.35
C PRO A 327 -24.47 10.74 -11.20
N THR A 328 -23.16 10.57 -11.25
CA THR A 328 -22.31 10.75 -10.07
C THR A 328 -22.04 12.23 -9.82
N ALA A 329 -22.22 13.11 -10.80
CA ALA A 329 -22.30 14.58 -10.65
C ALA A 329 -23.78 14.95 -10.80
N PRO A 330 -24.58 14.90 -9.72
CA PRO A 330 -26.03 14.71 -9.86
C PRO A 330 -26.88 15.94 -10.18
N ALA A 331 -26.27 17.10 -10.33
CA ALA A 331 -27.01 18.31 -10.68
C ALA A 331 -26.09 19.27 -11.44
N PHE A 332 -26.71 20.14 -12.21
CA PHE A 332 -26.05 21.32 -12.79
C PHE A 332 -27.05 22.46 -12.77
N SER A 333 -26.50 23.66 -12.72
CA SER A 333 -27.24 24.92 -12.49
C SER A 333 -27.18 25.78 -13.76
N LEU A 334 -28.28 26.47 -14.04
CA LEU A 334 -28.44 27.39 -15.21
C LEU A 334 -29.01 28.72 -14.70
N TYR A 335 -28.76 29.80 -15.42
CA TYR A 335 -29.47 31.09 -15.18
C TYR A 335 -30.07 31.55 -16.49
N ALA A 336 -31.22 32.21 -16.39
CA ALA A 336 -31.95 32.81 -17.54
C ALA A 336 -31.14 33.99 -18.10
N LYS A 337 -30.73 33.91 -19.37
CA LYS A 337 -29.98 35.03 -20.01
C LYS A 337 -30.90 36.26 -20.18
N GLU A 338 -32.19 36.03 -20.38
CA GLU A 338 -33.22 37.09 -20.48
C GLU A 338 -34.55 36.57 -19.92
N ASP A 339 -35.53 37.46 -19.75
CA ASP A 339 -36.92 37.05 -19.43
C ASP A 339 -37.36 36.03 -20.47
N THR A 340 -37.99 34.95 -20.01
CA THR A 340 -38.45 33.82 -20.85
C THR A 340 -39.50 33.08 -20.02
N VAL A 341 -40.35 32.32 -20.69
N VAL A 341 -40.28 32.22 -20.65
CA VAL A 341 -41.37 31.46 -20.04
CA VAL A 341 -41.31 31.39 -19.95
C VAL A 341 -40.94 30.02 -20.28
C VAL A 341 -40.95 29.91 -20.20
N LEU A 342 -41.07 29.20 -19.23
N LEU A 342 -40.76 29.16 -19.12
CA LEU A 342 -40.60 27.80 -19.22
CA LEU A 342 -40.53 27.68 -19.16
C LEU A 342 -41.80 26.86 -19.35
C LEU A 342 -41.85 26.98 -19.44
N GLY A 343 -41.88 26.11 -20.46
CA GLY A 343 -42.96 25.15 -20.72
C GLY A 343 -44.32 25.81 -20.88
N GLY A 344 -44.34 27.12 -21.19
CA GLY A 344 -45.57 27.90 -21.45
C GLY A 344 -46.31 28.27 -20.18
N GLU A 345 -45.75 27.99 -19.00
CA GLU A 345 -46.47 28.10 -17.70
C GLU A 345 -45.68 28.91 -16.67
N TYR A 346 -44.35 28.82 -16.64
CA TYR A 346 -43.55 29.35 -15.53
C TYR A 346 -42.70 30.51 -16.02
N PRO A 347 -43.15 31.78 -15.84
CA PRO A 347 -42.38 32.93 -16.29
C PRO A 347 -41.13 33.08 -15.43
N LEU A 348 -39.98 33.32 -16.07
CA LEU A 348 -38.70 33.62 -15.39
C LEU A 348 -38.24 35.02 -15.78
N GLU A 349 -37.57 35.68 -14.84
CA GLU A 349 -36.84 36.96 -15.02
C GLU A 349 -35.38 36.64 -15.35
N LYS A 350 -34.73 37.52 -16.11
CA LYS A 350 -33.26 37.51 -16.37
C LYS A 350 -32.51 37.32 -15.05
N GLY A 351 -31.59 36.36 -14.99
CA GLY A 351 -30.82 36.05 -13.77
C GLY A 351 -31.42 34.91 -12.96
N ASP A 352 -32.70 34.58 -13.15
CA ASP A 352 -33.37 33.50 -12.37
C ASP A 352 -32.60 32.18 -12.54
N GLU A 353 -32.43 31.48 -11.42
CA GLU A 353 -31.61 30.25 -11.38
C GLU A 353 -32.49 29.01 -11.51
N LEU A 354 -31.98 28.04 -12.27
CA LEU A 354 -32.58 26.70 -12.39
C LEU A 354 -31.54 25.68 -11.91
N MET A 355 -32.02 24.63 -11.27
N MET A 355 -32.02 24.62 -11.27
CA MET A 355 -31.20 23.43 -10.91
CA MET A 355 -31.17 23.45 -10.95
C MET A 355 -31.77 22.23 -11.66
C MET A 355 -31.76 22.23 -11.65
N VAL A 356 -30.94 21.56 -12.45
CA VAL A 356 -31.33 20.29 -13.12
C VAL A 356 -31.01 19.14 -12.18
N LEU A 357 -32.04 18.43 -11.74
CA LEU A 357 -31.88 17.29 -10.82
C LEU A 357 -31.74 16.03 -11.68
N ILE A 358 -30.50 15.66 -12.00
CA ILE A 358 -30.25 14.68 -13.10
C ILE A 358 -30.83 13.31 -12.74
N PRO A 359 -30.71 12.79 -11.50
CA PRO A 359 -31.28 11.47 -11.21
C PRO A 359 -32.79 11.43 -11.43
N GLN A 360 -33.49 12.54 -11.19
CA GLN A 360 -34.97 12.63 -11.37
C GLN A 360 -35.28 12.67 -12.86
N LEU A 361 -34.52 13.46 -13.62
CA LEU A 361 -34.68 13.55 -15.09
C LEU A 361 -34.61 12.13 -15.66
N HIS A 362 -33.65 11.36 -15.17
CA HIS A 362 -33.34 9.99 -15.64
C HIS A 362 -34.41 8.97 -15.21
N ARG A 363 -35.40 9.40 -14.40
CA ARG A 363 -36.52 8.55 -13.94
C ARG A 363 -37.85 9.04 -14.51
N ASP A 364 -37.82 9.91 -15.51
CA ASP A 364 -39.05 10.40 -16.17
C ASP A 364 -39.71 9.22 -16.91
N LYS A 365 -40.88 8.78 -16.44
CA LYS A 365 -41.56 7.60 -17.00
C LYS A 365 -42.04 7.88 -18.43
N THR A 366 -42.29 9.15 -18.77
CA THR A 366 -42.81 9.51 -20.13
C THR A 366 -41.71 9.24 -21.15
N ILE A 367 -40.44 9.18 -20.71
CA ILE A 367 -39.29 8.88 -21.61
C ILE A 367 -38.96 7.38 -21.60
N TRP A 368 -38.79 6.78 -20.43
CA TRP A 368 -38.12 5.47 -20.28
C TRP A 368 -39.14 4.34 -20.15
N GLY A 369 -40.40 4.68 -19.87
CA GLY A 369 -41.47 3.71 -19.58
C GLY A 369 -41.56 3.40 -18.09
N ASP A 370 -42.46 2.49 -17.72
CA ASP A 370 -42.83 2.24 -16.31
C ASP A 370 -41.69 1.51 -15.59
N ASP A 371 -40.90 0.71 -16.31
CA ASP A 371 -39.73 -0.05 -15.75
C ASP A 371 -38.53 0.88 -15.44
N VAL A 372 -38.74 2.14 -15.05
CA VAL A 372 -37.65 3.17 -15.04
C VAL A 372 -36.60 2.84 -13.95
N GLU A 373 -37.00 2.10 -12.91
CA GLU A 373 -36.08 1.74 -11.78
C GLU A 373 -35.25 0.50 -12.13
N GLU A 374 -35.53 -0.17 -13.25
N GLU A 374 -35.54 -0.17 -13.25
CA GLU A 374 -34.83 -1.40 -13.69
CA GLU A 374 -34.82 -1.43 -13.64
C GLU A 374 -33.50 -1.05 -14.38
C GLU A 374 -33.52 -1.07 -14.38
N PHE A 375 -32.49 -1.89 -14.17
CA PHE A 375 -31.14 -1.75 -14.80
C PHE A 375 -31.17 -2.54 -16.11
N ARG A 376 -31.31 -1.85 -17.22
CA ARG A 376 -31.47 -2.45 -18.57
C ARG A 376 -30.58 -1.71 -19.57
N PRO A 377 -29.31 -2.12 -19.75
CA PRO A 377 -28.40 -1.43 -20.67
C PRO A 377 -28.89 -1.30 -22.13
N GLU A 378 -29.76 -2.22 -22.54
CA GLU A 378 -30.28 -2.29 -23.93
C GLU A 378 -31.04 -1.00 -24.28
N ARG A 379 -31.49 -0.23 -23.29
CA ARG A 379 -32.10 1.12 -23.47
C ARG A 379 -31.21 1.96 -24.38
N PHE A 380 -29.89 1.72 -24.39
CA PHE A 380 -28.90 2.59 -25.10
C PHE A 380 -28.47 2.03 -26.47
N GLU A 381 -29.19 1.04 -27.00
CA GLU A 381 -28.84 0.42 -28.31
C GLU A 381 -28.87 1.47 -29.42
N ASN A 382 -29.78 2.44 -29.35
CA ASN A 382 -30.00 3.35 -30.50
C ASN A 382 -30.18 4.78 -29.96
N PRO A 383 -29.13 5.62 -29.96
CA PRO A 383 -29.28 6.99 -29.48
C PRO A 383 -30.37 7.80 -30.22
N SER A 384 -30.69 7.45 -31.47
CA SER A 384 -31.74 8.18 -32.24
C SER A 384 -33.14 7.86 -31.68
N ALA A 385 -33.28 6.79 -30.90
CA ALA A 385 -34.59 6.43 -30.29
C ALA A 385 -34.76 7.08 -28.91
N ILE A 386 -33.76 7.82 -28.44
CA ILE A 386 -33.85 8.55 -27.12
C ILE A 386 -34.20 10.00 -27.43
N PRO A 387 -35.30 10.53 -26.84
CA PRO A 387 -35.66 11.92 -27.04
C PRO A 387 -34.54 12.90 -26.68
N GLN A 388 -34.59 14.09 -27.25
CA GLN A 388 -33.57 15.13 -26.98
C GLN A 388 -33.53 15.48 -25.48
N HIS A 389 -32.33 15.61 -24.94
CA HIS A 389 -32.05 16.10 -23.56
C HIS A 389 -32.68 15.18 -22.50
N ALA A 390 -32.92 13.91 -22.82
CA ALA A 390 -33.43 12.93 -21.86
C ALA A 390 -32.31 12.43 -20.95
N PHE A 391 -31.07 12.44 -21.42
CA PHE A 391 -29.92 11.77 -20.78
C PHE A 391 -28.79 12.77 -20.67
N LYS A 392 -28.52 13.27 -19.46
CA LYS A 392 -27.64 14.45 -19.26
C LYS A 392 -26.61 14.23 -18.18
N PRO A 393 -25.94 13.06 -18.08
CA PRO A 393 -24.97 12.84 -17.01
C PRO A 393 -23.69 13.69 -17.14
N PHE A 394 -23.43 14.26 -18.31
CA PHE A 394 -22.23 15.10 -18.55
C PHE A 394 -22.60 16.59 -18.77
N GLY A 395 -23.79 16.99 -18.34
CA GLY A 395 -24.22 18.40 -18.44
C GLY A 395 -24.61 18.74 -19.85
N ASN A 396 -24.46 19.99 -20.23
CA ASN A 396 -25.13 20.51 -21.44
C ASN A 396 -24.22 21.45 -22.23
N GLY A 397 -24.27 21.29 -23.56
CA GLY A 397 -23.84 22.36 -24.47
C GLY A 397 -22.34 22.58 -24.37
N GLN A 398 -21.92 23.83 -24.57
CA GLN A 398 -20.49 24.21 -24.57
C GLN A 398 -19.91 24.03 -23.17
N ARG A 399 -20.76 23.95 -22.13
CA ARG A 399 -20.30 23.71 -20.76
C ARG A 399 -20.46 22.24 -20.34
N ALA A 400 -20.63 21.33 -21.30
CA ALA A 400 -20.65 19.88 -21.03
C ALA A 400 -19.24 19.45 -20.57
N CYS A 401 -19.19 18.31 -19.91
CA CYS A 401 -17.94 17.69 -19.43
C CYS A 401 -16.91 17.58 -20.55
N ILE A 402 -15.75 18.21 -20.36
CA ILE A 402 -14.61 18.08 -21.33
C ILE A 402 -13.98 16.69 -21.21
N GLY A 403 -14.19 16.00 -20.10
CA GLY A 403 -13.50 14.74 -19.80
C GLY A 403 -14.34 13.50 -20.10
N GLN A 404 -15.50 13.63 -20.73
CA GLN A 404 -16.44 12.50 -20.94
C GLN A 404 -15.73 11.36 -21.69
N GLN A 405 -14.99 11.66 -22.76
CA GLN A 405 -14.33 10.59 -23.55
C GLN A 405 -13.28 9.89 -22.70
N PHE A 406 -12.53 10.67 -21.94
CA PHE A 406 -11.43 10.14 -21.07
C PHE A 406 -12.07 9.20 -20.04
N ALA A 407 -13.11 9.68 -19.34
CA ALA A 407 -13.79 8.89 -18.30
C ALA A 407 -14.35 7.60 -18.88
N LEU A 408 -15.03 7.67 -20.02
CA LEU A 408 -15.69 6.46 -20.58
C LEU A 408 -14.63 5.50 -21.14
N HIS A 409 -13.52 6.00 -21.68
CA HIS A 409 -12.43 5.10 -22.12
C HIS A 409 -11.84 4.35 -20.92
N GLU A 410 -11.50 5.09 -19.86
CA GLU A 410 -10.91 4.50 -18.65
C GLU A 410 -11.89 3.49 -18.06
N ALA A 411 -13.16 3.88 -17.88
CA ALA A 411 -14.14 2.99 -17.23
C ALA A 411 -14.42 1.76 -18.07
N THR A 412 -14.46 1.89 -19.40
CA THR A 412 -14.73 0.72 -20.29
C THR A 412 -13.53 -0.24 -20.23
N LEU A 413 -12.32 0.28 -20.30
CA LEU A 413 -11.05 -0.50 -20.18
C LEU A 413 -11.09 -1.29 -18.87
N VAL A 414 -11.29 -0.59 -17.77
CA VAL A 414 -11.15 -1.21 -16.43
C VAL A 414 -12.28 -2.23 -16.21
N LEU A 415 -13.51 -1.87 -16.53
CA LEU A 415 -14.64 -2.80 -16.27
C LEU A 415 -14.47 -4.03 -17.18
N GLY A 416 -14.02 -3.81 -18.41
CA GLY A 416 -13.71 -4.91 -19.34
C GLY A 416 -12.70 -5.85 -18.73
N MET A 417 -11.60 -5.32 -18.18
CA MET A 417 -10.53 -6.16 -17.57
C MET A 417 -11.08 -6.86 -16.32
N MET A 418 -11.89 -6.17 -15.52
CA MET A 418 -12.51 -6.78 -14.30
C MET A 418 -13.36 -7.99 -14.70
N LEU A 419 -14.19 -7.84 -15.71
CA LEU A 419 -15.15 -8.90 -16.13
C LEU A 419 -14.43 -10.04 -16.85
N LYS A 420 -13.30 -9.76 -17.50
CA LYS A 420 -12.44 -10.79 -18.13
C LYS A 420 -11.79 -11.68 -17.07
N HIS A 421 -11.26 -11.07 -15.99
CA HIS A 421 -10.33 -11.76 -15.06
C HIS A 421 -11.02 -12.38 -13.83
N PHE A 422 -12.23 -11.97 -13.46
CA PHE A 422 -12.87 -12.38 -12.19
C PHE A 422 -14.37 -12.67 -12.36
N ASP A 423 -14.85 -13.63 -11.57
CA ASP A 423 -16.27 -13.76 -11.18
C ASP A 423 -16.45 -12.99 -9.87
N PHE A 424 -17.57 -12.29 -9.74
CA PHE A 424 -17.91 -11.43 -8.58
C PHE A 424 -19.06 -12.06 -7.80
N GLU A 425 -19.00 -11.91 -6.46
CA GLU A 425 -20.06 -12.35 -5.52
C GLU A 425 -20.46 -11.17 -4.62
N ASP A 426 -21.76 -10.86 -4.55
CA ASP A 426 -22.38 -9.92 -3.56
C ASP A 426 -22.55 -10.71 -2.25
N HIS A 427 -21.44 -10.97 -1.58
CA HIS A 427 -21.39 -11.96 -0.47
C HIS A 427 -22.16 -11.48 0.79
N THR A 428 -22.39 -10.17 0.95
CA THR A 428 -23.10 -9.56 2.11
C THR A 428 -24.55 -9.21 1.77
N ASN A 429 -24.94 -9.42 0.52
CA ASN A 429 -26.23 -8.92 -0.03
C ASN A 429 -26.31 -7.43 0.28
N TYR A 430 -25.35 -6.66 -0.25
CA TYR A 430 -25.10 -5.24 0.10
C TYR A 430 -26.40 -4.44 -0.09
N GLU A 431 -26.78 -3.64 0.91
CA GLU A 431 -27.90 -2.67 0.84
C GLU A 431 -27.36 -1.31 0.38
N LEU A 432 -27.79 -0.83 -0.80
CA LEU A 432 -27.22 0.42 -1.36
C LEU A 432 -27.35 1.55 -0.33
N ASP A 433 -26.22 2.20 -0.05
CA ASP A 433 -26.10 3.36 0.85
C ASP A 433 -25.26 4.37 0.08
N ILE A 434 -25.87 5.45 -0.35
CA ILE A 434 -25.19 6.41 -1.25
C ILE A 434 -24.66 7.57 -0.40
N LYS A 435 -23.33 7.67 -0.32
CA LYS A 435 -22.66 8.78 0.38
C LYS A 435 -22.62 9.96 -0.59
N GLU A 436 -22.94 11.14 -0.07
CA GLU A 436 -22.90 12.40 -0.84
C GLU A 436 -21.71 13.25 -0.39
N THR A 437 -20.90 13.67 -1.35
CA THR A 437 -19.80 14.67 -1.19
C THR A 437 -19.94 15.67 -2.35
N LEU A 438 -21.14 16.18 -2.50
CA LEU A 438 -21.65 16.85 -3.72
C LEU A 438 -21.86 15.73 -4.75
N THR A 439 -20.78 15.03 -5.13
N THR A 439 -20.77 15.04 -5.13
CA THR A 439 -20.82 13.80 -5.96
CA THR A 439 -20.79 13.79 -5.95
C THR A 439 -21.37 12.59 -5.16
C THR A 439 -21.42 12.62 -5.16
N LEU A 440 -21.82 11.56 -5.87
CA LEU A 440 -22.50 10.36 -5.29
C LEU A 440 -21.63 9.12 -5.46
N LYS A 441 -21.58 8.30 -4.43
CA LYS A 441 -20.80 7.05 -4.48
C LYS A 441 -21.39 6.08 -3.47
N PRO A 442 -21.47 4.78 -3.80
CA PRO A 442 -21.85 3.79 -2.83
C PRO A 442 -20.84 3.80 -1.68
N GLU A 443 -21.37 3.69 -0.47
CA GLU A 443 -20.55 3.58 0.77
C GLU A 443 -20.68 2.15 1.30
N GLY A 444 -19.55 1.52 1.67
CA GLY A 444 -19.55 0.19 2.29
C GLY A 444 -19.75 -0.93 1.28
N PHE A 445 -19.75 -0.64 -0.01
CA PHE A 445 -19.96 -1.67 -1.05
C PHE A 445 -18.72 -2.58 -1.09
N VAL A 446 -18.92 -3.85 -0.79
CA VAL A 446 -17.86 -4.89 -0.80
C VAL A 446 -18.34 -6.07 -1.64
N VAL A 447 -17.40 -6.74 -2.30
CA VAL A 447 -17.65 -7.97 -3.10
C VAL A 447 -16.48 -8.93 -2.86
N LYS A 448 -16.66 -10.18 -3.26
CA LYS A 448 -15.57 -11.16 -3.42
C LYS A 448 -15.35 -11.40 -4.91
N ALA A 449 -14.09 -11.45 -5.32
CA ALA A 449 -13.65 -11.63 -6.72
C ALA A 449 -12.88 -12.94 -6.81
N LYS A 450 -13.49 -13.95 -7.41
N LYS A 450 -13.48 -13.95 -7.41
CA LYS A 450 -12.86 -15.27 -7.67
CA LYS A 450 -12.84 -15.27 -7.64
C LYS A 450 -12.13 -15.22 -9.01
C LYS A 450 -12.14 -15.23 -9.01
N SER A 451 -10.81 -15.41 -9.01
CA SER A 451 -9.95 -15.33 -10.22
C SER A 451 -10.34 -16.40 -11.25
N LYS A 452 -10.47 -15.99 -12.51
CA LYS A 452 -10.58 -16.91 -13.68
C LYS A 452 -9.17 -17.44 -14.05
N LYS A 453 -8.13 -17.01 -13.32
CA LYS A 453 -6.72 -17.45 -13.49
C LYS A 453 -6.28 -17.27 -14.96
N ILE A 454 -6.56 -16.09 -15.53
CA ILE A 454 -6.10 -15.72 -16.90
C ILE A 454 -4.89 -14.79 -16.77
N PRO A 455 -3.75 -15.11 -17.39
CA PRO A 455 -2.53 -14.32 -17.21
C PRO A 455 -2.59 -12.92 -17.83
N LEU A 456 -1.88 -11.97 -17.23
CA LEU A 456 -1.65 -10.59 -17.76
C LEU A 456 -0.35 -10.57 -18.56
N THR B 2 48.30 -21.85 35.50
CA THR B 2 47.48 -22.73 34.60
C THR B 2 46.06 -22.17 34.48
N ILE B 3 45.29 -22.27 35.57
CA ILE B 3 43.88 -21.78 35.70
C ILE B 3 43.92 -20.27 35.94
N LYS B 4 43.21 -19.49 35.11
CA LYS B 4 43.15 -18.02 35.19
C LYS B 4 41.81 -17.59 35.80
N GLU B 5 41.83 -16.46 36.51
CA GLU B 5 40.60 -15.74 36.90
C GLU B 5 40.06 -15.01 35.68
N MET B 6 38.75 -15.00 35.54
CA MET B 6 38.02 -14.44 34.40
C MET B 6 37.77 -12.95 34.62
N PRO B 7 38.02 -12.07 33.63
CA PRO B 7 37.58 -10.68 33.76
C PRO B 7 36.06 -10.52 33.90
N GLN B 8 35.64 -9.43 34.54
CA GLN B 8 34.22 -9.07 34.76
C GLN B 8 34.05 -7.57 34.65
N PRO B 9 32.99 -7.08 33.96
CA PRO B 9 32.72 -5.65 33.89
C PRO B 9 32.26 -5.08 35.24
N LYS B 10 32.12 -3.75 35.27
CA LYS B 10 31.75 -2.98 36.49
C LYS B 10 30.43 -3.49 37.08
N THR B 11 30.32 -3.44 38.40
CA THR B 11 29.21 -4.00 39.19
C THR B 11 28.45 -2.87 39.89
N PHE B 12 27.22 -3.18 40.31
CA PHE B 12 26.23 -2.25 40.88
C PHE B 12 25.68 -2.85 42.17
N GLY B 13 26.58 -3.12 43.12
CA GLY B 13 26.26 -3.80 44.38
C GLY B 13 25.48 -5.08 44.13
N GLU B 14 24.33 -5.21 44.82
CA GLU B 14 23.40 -6.37 44.80
C GLU B 14 22.96 -6.74 43.38
N LEU B 15 22.93 -5.79 42.45
CA LEU B 15 22.44 -6.03 41.07
C LEU B 15 23.57 -6.58 40.20
N LYS B 16 24.81 -6.69 40.71
CA LYS B 16 25.99 -7.24 40.00
C LYS B 16 26.14 -6.51 38.66
N ASN B 17 26.15 -7.21 37.53
CA ASN B 17 26.33 -6.57 36.20
C ASN B 17 25.00 -6.19 35.53
N LEU B 18 23.85 -6.56 36.09
CA LEU B 18 22.53 -6.44 35.42
C LEU B 18 22.29 -5.04 34.82
N PRO B 19 22.53 -3.91 35.52
CA PRO B 19 22.25 -2.58 34.96
C PRO B 19 23.03 -2.24 33.67
N LEU B 20 24.08 -2.99 33.33
CA LEU B 20 24.79 -2.80 32.03
C LEU B 20 23.87 -3.15 30.87
N LEU B 21 22.85 -3.95 31.09
CA LEU B 21 21.87 -4.27 30.02
C LEU B 21 20.67 -3.30 30.03
N ASN B 22 20.66 -2.30 30.91
CA ASN B 22 19.62 -1.22 30.89
C ASN B 22 19.99 -0.20 29.81
N THR B 23 19.82 -0.63 28.56
CA THR B 23 20.17 0.14 27.35
C THR B 23 19.31 -0.42 26.23
N ASP B 24 18.96 0.42 25.26
CA ASP B 24 18.23 -0.04 24.05
C ASP B 24 19.23 -0.73 23.11
N LYS B 25 20.54 -0.72 23.41
CA LYS B 25 21.55 -1.37 22.51
C LYS B 25 22.46 -2.32 23.32
N PRO B 26 21.91 -3.40 23.90
CA PRO B 26 22.71 -4.29 24.72
C PRO B 26 23.85 -5.04 24.01
N VAL B 27 23.63 -5.50 22.78
CA VAL B 27 24.71 -6.23 22.05
C VAL B 27 25.88 -5.26 21.81
N GLN B 28 25.60 -4.04 21.37
CA GLN B 28 26.64 -3.02 21.14
C GLN B 28 27.36 -2.72 22.47
N ALA B 29 26.65 -2.71 23.59
CA ALA B 29 27.27 -2.48 24.91
C ALA B 29 28.20 -3.65 25.23
N LEU B 30 27.76 -4.89 24.97
CA LEU B 30 28.57 -6.10 25.25
C LEU B 30 29.80 -6.12 24.33
N MET B 31 29.67 -5.66 23.09
CA MET B 31 30.83 -5.55 22.17
C MET B 31 31.88 -4.61 22.75
N LYS B 32 31.47 -3.48 23.33
CA LYS B 32 32.41 -2.48 23.91
C LYS B 32 33.08 -3.09 25.14
N ILE B 33 32.33 -3.86 25.94
CA ILE B 33 32.92 -4.58 27.12
C ILE B 33 33.94 -5.61 26.63
N ALA B 34 33.64 -6.36 25.58
CA ALA B 34 34.57 -7.37 25.02
C ALA B 34 35.85 -6.67 24.51
N ASP B 35 35.71 -5.49 23.92
CA ASP B 35 36.87 -4.70 23.42
C ASP B 35 37.80 -4.37 24.60
N GLU B 36 37.22 -4.04 25.75
CA GLU B 36 37.92 -3.63 26.98
C GLU B 36 38.56 -4.86 27.64
N LEU B 37 37.83 -5.98 27.74
CA LEU B 37 38.19 -7.11 28.66
C LEU B 37 38.81 -8.28 27.91
N GLY B 38 38.56 -8.42 26.61
CA GLY B 38 39.21 -9.41 25.75
C GLY B 38 38.32 -10.63 25.49
N GLU B 39 38.93 -11.79 25.32
CA GLU B 39 38.31 -12.98 24.65
C GLU B 39 37.23 -13.62 25.52
N ILE B 40 37.21 -13.35 26.83
CA ILE B 40 36.19 -13.95 27.72
C ILE B 40 35.95 -13.02 28.88
N PHE B 41 34.70 -12.84 29.24
CA PHE B 41 34.35 -12.17 30.51
C PHE B 41 33.10 -12.81 31.12
N LYS B 42 33.05 -12.77 32.45
CA LYS B 42 31.90 -13.25 33.24
C LYS B 42 30.88 -12.12 33.36
N PHE B 43 29.61 -12.44 33.19
CA PHE B 43 28.49 -11.50 33.39
C PHE B 43 27.58 -12.12 34.45
N GLU B 44 27.40 -11.43 35.57
CA GLU B 44 26.58 -11.92 36.71
C GLU B 44 25.36 -11.01 36.87
N ALA B 45 24.21 -11.63 37.15
CA ALA B 45 22.98 -10.94 37.58
C ALA B 45 22.47 -11.72 38.77
N PRO B 46 21.56 -11.17 39.60
CA PRO B 46 20.98 -11.95 40.70
C PRO B 46 20.50 -13.31 40.19
N GLY B 47 21.09 -14.40 40.71
CA GLY B 47 20.70 -15.80 40.46
C GLY B 47 21.09 -16.29 39.07
N ARG B 48 21.95 -15.60 38.31
CA ARG B 48 22.38 -16.10 36.98
C ARG B 48 23.79 -15.65 36.63
N VAL B 49 24.48 -16.47 35.83
N VAL B 49 24.47 -16.48 35.83
CA VAL B 49 25.86 -16.16 35.36
CA VAL B 49 25.86 -16.22 35.36
C VAL B 49 26.01 -16.68 33.92
C VAL B 49 25.98 -16.68 33.91
N THR B 50 26.65 -15.88 33.07
CA THR B 50 27.02 -16.26 31.71
C THR B 50 28.46 -15.84 31.43
N ARG B 51 29.11 -16.58 30.55
CA ARG B 51 30.47 -16.24 30.09
C ARG B 51 30.38 -15.86 28.62
N TYR B 52 30.76 -14.63 28.29
CA TYR B 52 30.76 -14.09 26.91
C TYR B 52 32.12 -14.35 26.25
N LEU B 53 32.09 -15.04 25.10
CA LEU B 53 33.27 -15.43 24.30
C LEU B 53 33.36 -14.57 23.04
N SER B 54 34.58 -14.16 22.71
CA SER B 54 34.85 -13.25 21.58
C SER B 54 35.97 -13.76 20.67
N SER B 55 36.83 -14.70 21.11
CA SER B 55 37.96 -15.17 20.28
C SER B 55 37.60 -16.46 19.54
N GLN B 56 38.15 -16.60 18.34
CA GLN B 56 38.06 -17.85 17.57
C GLN B 56 38.67 -18.99 18.39
N ARG B 57 39.71 -18.71 19.17
CA ARG B 57 40.42 -19.75 19.97
C ARG B 57 39.42 -20.42 20.93
N LEU B 58 38.62 -19.64 21.65
CA LEU B 58 37.67 -20.20 22.64
C LEU B 58 36.38 -20.65 21.95
N ILE B 59 35.91 -19.93 20.93
CA ILE B 59 34.63 -20.28 20.26
C ILE B 59 34.79 -21.61 19.51
N LYS B 60 35.97 -21.91 18.96
N LYS B 60 35.97 -21.93 18.96
CA LYS B 60 36.16 -23.21 18.24
CA LYS B 60 36.14 -23.21 18.24
C LYS B 60 35.90 -24.35 19.23
C LYS B 60 35.90 -24.35 19.23
N GLU B 61 36.35 -24.20 20.48
CA GLU B 61 36.10 -25.20 21.54
C GLU B 61 34.60 -25.23 21.89
N ALA B 62 33.96 -24.08 22.05
CA ALA B 62 32.52 -24.01 22.41
C ALA B 62 31.68 -24.75 21.34
N CYS B 63 32.19 -24.80 20.10
CA CYS B 63 31.47 -25.37 18.94
C CYS B 63 31.71 -26.87 18.83
N ASP B 64 32.44 -27.46 19.78
CA ASP B 64 32.63 -28.93 19.86
C ASP B 64 31.35 -29.53 20.44
N GLU B 65 30.54 -30.17 19.59
CA GLU B 65 29.21 -30.71 19.97
C GLU B 65 29.34 -31.85 21.00
N SER B 66 30.52 -32.47 21.16
CA SER B 66 30.71 -33.54 22.17
C SER B 66 30.79 -32.92 23.57
N ARG B 67 31.13 -31.65 23.67
CA ARG B 67 31.39 -30.93 24.94
C ARG B 67 30.29 -29.92 25.26
N PHE B 68 29.65 -29.33 24.24
CA PHE B 68 28.67 -28.24 24.46
C PHE B 68 27.46 -28.47 23.55
N ASP B 69 26.27 -28.18 24.06
CA ASP B 69 25.00 -28.24 23.32
C ASP B 69 24.39 -26.84 23.29
N LYS B 70 23.45 -26.62 22.38
CA LYS B 70 22.67 -25.36 22.32
C LYS B 70 21.94 -25.14 23.65
N ASN B 71 22.11 -23.94 24.21
CA ASN B 71 21.36 -23.49 25.39
C ASN B 71 20.26 -22.54 24.93
N LEU B 72 19.12 -22.54 25.61
CA LEU B 72 18.15 -21.43 25.54
C LEU B 72 18.65 -20.32 26.48
N SER B 73 19.24 -19.28 25.88
CA SER B 73 19.55 -18.01 26.57
C SER B 73 18.26 -17.50 27.21
N GLN B 74 18.34 -16.59 28.18
CA GLN B 74 17.11 -15.98 28.73
C GLN B 74 16.27 -15.37 27.60
N ALA B 75 16.92 -14.75 26.61
CA ALA B 75 16.23 -14.14 25.45
C ALA B 75 15.38 -15.20 24.76
N LEU B 76 15.92 -16.38 24.52
CA LEU B 76 15.17 -17.45 23.80
C LEU B 76 14.09 -18.01 24.73
N LYS B 77 14.33 -18.05 26.04
CA LYS B 77 13.28 -18.51 26.99
C LYS B 77 12.09 -17.55 26.90
N PHE B 78 12.35 -16.25 26.76
CA PHE B 78 11.26 -15.25 26.64
C PHE B 78 10.56 -15.43 25.29
N VAL B 79 11.31 -15.68 24.21
CA VAL B 79 10.71 -15.87 22.86
C VAL B 79 9.88 -17.17 22.85
N ARG B 80 10.33 -18.21 23.54
CA ARG B 80 9.58 -19.49 23.67
C ARG B 80 8.17 -19.25 24.18
N ASP B 81 7.92 -18.17 24.92
CA ASP B 81 6.54 -17.87 25.37
C ASP B 81 5.61 -17.84 24.15
N PHE B 82 6.09 -17.52 22.94
CA PHE B 82 5.23 -17.53 21.74
C PHE B 82 5.75 -18.52 20.67
N ALA B 83 7.04 -18.91 20.66
CA ALA B 83 7.59 -19.83 19.64
C ALA B 83 7.64 -21.28 20.17
N GLY B 84 7.33 -21.50 21.44
CA GLY B 84 7.15 -22.84 22.04
C GLY B 84 8.30 -23.77 21.71
N ASP B 85 8.00 -24.99 21.31
CA ASP B 85 9.00 -26.04 20.96
C ASP B 85 9.13 -26.13 19.45
N GLY B 86 9.02 -24.99 18.78
CA GLY B 86 9.44 -24.89 17.37
C GLY B 86 10.95 -25.12 17.30
N LEU B 87 11.52 -25.18 16.11
CA LEU B 87 12.93 -25.58 15.97
C LEU B 87 13.86 -24.61 16.69
N PHE B 88 13.59 -23.30 16.68
CA PHE B 88 14.57 -22.28 17.18
C PHE B 88 14.61 -22.32 18.71
N THR B 89 13.49 -22.62 19.36
CA THR B 89 13.39 -22.46 20.84
C THR B 89 13.15 -23.80 21.54
N SER B 90 13.44 -24.91 20.87
N SER B 90 13.46 -24.90 20.86
CA SER B 90 13.45 -26.27 21.49
CA SER B 90 13.50 -26.28 21.43
C SER B 90 14.86 -26.66 21.93
C SER B 90 14.89 -26.61 21.96
N TRP B 91 14.95 -27.42 23.01
CA TRP B 91 16.20 -28.08 23.47
C TRP B 91 16.46 -29.25 22.52
N THR B 92 17.73 -29.55 22.29
CA THR B 92 18.15 -30.67 21.42
C THR B 92 17.53 -31.98 21.93
N HIS B 93 17.30 -32.09 23.24
CA HIS B 93 16.84 -33.35 23.88
C HIS B 93 15.30 -33.46 23.90
N GLU B 94 14.56 -32.44 23.49
CA GLU B 94 13.09 -32.52 23.38
C GLU B 94 12.75 -33.34 22.14
N LYS B 95 11.83 -34.30 22.25
CA LYS B 95 11.44 -35.20 21.13
C LYS B 95 11.13 -34.36 19.87
N ASN B 96 10.46 -33.22 20.04
CA ASN B 96 9.97 -32.40 18.91
C ASN B 96 11.13 -31.72 18.18
N TRP B 97 12.33 -31.62 18.77
CA TRP B 97 13.44 -30.97 18.01
C TRP B 97 13.84 -31.90 16.86
N LYS B 98 14.31 -33.13 17.15
CA LYS B 98 14.86 -33.99 16.08
C LYS B 98 13.73 -34.38 15.13
N LYS B 99 12.52 -34.59 15.64
CA LYS B 99 11.36 -35.00 14.80
C LYS B 99 11.10 -33.91 13.74
N ALA B 100 10.96 -32.66 14.17
CA ALA B 100 10.73 -31.53 13.24
C ALA B 100 11.94 -31.35 12.33
N HIS B 101 13.15 -31.46 12.87
CA HIS B 101 14.39 -31.31 12.05
C HIS B 101 14.33 -32.33 10.91
N ASN B 102 14.05 -33.58 11.24
CA ASN B 102 14.04 -34.64 10.19
C ASN B 102 12.96 -34.34 9.14
N ILE B 103 11.79 -33.89 9.58
CA ILE B 103 10.61 -33.66 8.69
C ILE B 103 10.88 -32.46 7.78
N LEU B 104 11.55 -31.42 8.29
CA LEU B 104 11.62 -30.12 7.61
C LEU B 104 12.94 -29.95 6.84
N LEU B 105 14.00 -30.70 7.17
CA LEU B 105 15.31 -30.49 6.51
C LEU B 105 15.17 -30.61 4.99
N PRO B 106 14.43 -31.60 4.44
CA PRO B 106 14.31 -31.71 2.97
C PRO B 106 13.63 -30.53 2.29
N SER B 107 12.85 -29.73 3.02
CA SER B 107 12.16 -28.53 2.54
C SER B 107 13.18 -27.42 2.28
N PHE B 108 14.44 -27.66 2.64
CA PHE B 108 15.60 -26.80 2.23
C PHE B 108 16.59 -27.60 1.36
N SER B 109 16.11 -28.55 0.53
CA SER B 109 16.96 -29.25 -0.49
C SER B 109 17.11 -28.38 -1.75
N GLN B 110 18.16 -28.61 -2.55
CA GLN B 110 18.28 -27.86 -3.83
C GLN B 110 16.99 -28.07 -4.64
N GLN B 111 16.40 -29.26 -4.67
CA GLN B 111 15.10 -29.45 -5.39
C GLN B 111 14.12 -28.41 -4.86
N ALA B 112 14.13 -28.21 -3.53
CA ALA B 112 13.25 -27.28 -2.79
C ALA B 112 13.58 -25.82 -3.17
N MET B 113 14.85 -25.39 -3.12
CA MET B 113 15.24 -23.98 -3.44
C MET B 113 14.87 -23.68 -4.89
N LYS B 114 15.08 -24.63 -5.80
CA LYS B 114 14.63 -24.47 -7.20
C LYS B 114 13.11 -24.27 -7.26
N GLY B 115 12.38 -24.96 -6.38
CA GLY B 115 10.91 -24.86 -6.31
C GLY B 115 10.41 -23.55 -5.71
N TYR B 116 11.21 -22.90 -4.86
CA TYR B 116 10.84 -21.62 -4.18
C TYR B 116 11.17 -20.42 -5.08
N HIS B 117 12.08 -20.59 -6.02
CA HIS B 117 12.69 -19.48 -6.80
C HIS B 117 11.60 -18.60 -7.44
N ALA B 118 10.63 -19.18 -8.15
CA ALA B 118 9.60 -18.40 -8.87
C ALA B 118 8.85 -17.47 -7.90
N MET B 119 8.52 -17.97 -6.70
N MET B 119 8.54 -17.95 -6.69
CA MET B 119 7.77 -17.16 -5.71
CA MET B 119 7.74 -17.14 -5.72
C MET B 119 8.69 -16.06 -5.15
C MET B 119 8.65 -16.11 -5.05
N MET B 120 9.97 -16.36 -4.95
CA MET B 120 10.93 -15.30 -4.55
C MET B 120 10.95 -14.19 -5.60
N VAL B 121 10.97 -14.56 -6.88
CA VAL B 121 10.99 -13.58 -8.00
C VAL B 121 9.70 -12.74 -7.94
N ASP B 122 8.55 -13.35 -7.63
CA ASP B 122 7.25 -12.64 -7.54
C ASP B 122 7.40 -11.44 -6.60
N ILE B 123 7.89 -11.69 -5.39
CA ILE B 123 8.03 -10.60 -4.40
C ILE B 123 9.14 -9.63 -4.83
N ALA B 124 10.27 -10.12 -5.35
CA ALA B 124 11.38 -9.23 -5.76
C ALA B 124 10.90 -8.27 -6.86
N VAL B 125 10.14 -8.77 -7.83
CA VAL B 125 9.57 -7.91 -8.91
C VAL B 125 8.68 -6.83 -8.29
N GLN B 126 7.89 -7.16 -7.27
CA GLN B 126 7.05 -6.14 -6.57
C GLN B 126 7.92 -5.04 -5.94
N LEU B 127 9.07 -5.40 -5.35
CA LEU B 127 10.01 -4.40 -4.81
C LEU B 127 10.53 -3.50 -5.95
N VAL B 128 11.02 -4.10 -7.01
CA VAL B 128 11.62 -3.31 -8.12
C VAL B 128 10.54 -2.36 -8.69
N GLN B 129 9.32 -2.87 -8.87
N GLN B 129 9.32 -2.86 -8.88
CA GLN B 129 8.21 -2.07 -9.43
CA GLN B 129 8.21 -2.03 -9.44
C GLN B 129 7.87 -0.90 -8.48
C GLN B 129 7.90 -0.89 -8.48
N LYS B 130 7.90 -1.13 -7.17
CA LYS B 130 7.64 -0.03 -6.21
C LYS B 130 8.66 1.09 -6.46
N TRP B 131 9.94 0.74 -6.55
CA TRP B 131 11.00 1.76 -6.66
C TRP B 131 10.98 2.40 -8.06
N GLU B 132 10.60 1.66 -9.11
CA GLU B 132 10.50 2.21 -10.49
C GLU B 132 9.40 3.29 -10.51
N ARG B 133 8.43 3.15 -9.63
CA ARG B 133 7.21 4.00 -9.63
C ARG B 133 7.34 5.23 -8.72
N LEU B 134 8.45 5.39 -8.02
CA LEU B 134 8.64 6.60 -7.18
C LEU B 134 8.77 7.81 -8.11
N ASN B 135 8.33 8.96 -7.62
CA ASN B 135 8.48 10.26 -8.30
C ASN B 135 9.87 10.83 -8.06
N ALA B 136 10.23 11.85 -8.83
CA ALA B 136 11.48 12.63 -8.70
C ALA B 136 11.72 12.96 -7.22
N ASP B 137 12.94 12.68 -6.76
CA ASP B 137 13.49 13.10 -5.45
C ASP B 137 12.72 12.50 -4.27
N GLU B 138 11.84 11.53 -4.51
CA GLU B 138 11.32 10.64 -3.43
C GLU B 138 12.46 9.72 -3.04
N HIS B 139 12.43 9.24 -1.80
CA HIS B 139 13.47 8.33 -1.29
C HIS B 139 12.86 7.01 -0.86
N ILE B 140 13.75 6.09 -0.54
CA ILE B 140 13.45 4.71 -0.08
C ILE B 140 13.76 4.61 1.40
N GLU B 141 12.83 4.05 2.17
CA GLU B 141 13.05 3.63 3.58
C GLU B 141 13.56 2.19 3.54
N VAL B 142 14.86 2.01 3.71
CA VAL B 142 15.52 0.74 3.27
C VAL B 142 15.06 -0.42 4.17
N PRO B 143 15.26 -0.38 5.50
CA PRO B 143 14.82 -1.53 6.30
C PRO B 143 13.32 -1.81 6.20
N GLU B 144 12.51 -0.76 6.04
CA GLU B 144 11.06 -0.92 5.93
C GLU B 144 10.74 -1.73 4.67
N ASP B 145 11.34 -1.38 3.54
CA ASP B 145 11.08 -2.09 2.28
C ASP B 145 11.72 -3.49 2.30
N MET B 146 12.88 -3.66 2.92
CA MET B 146 13.49 -5.02 2.99
C MET B 146 12.59 -5.95 3.83
N THR B 147 11.98 -5.44 4.88
CA THR B 147 11.06 -6.22 5.75
C THR B 147 9.79 -6.54 4.95
N ARG B 148 9.26 -5.60 4.16
CA ARG B 148 8.12 -5.92 3.26
C ARG B 148 8.49 -7.12 2.38
N LEU B 149 9.67 -7.10 1.76
CA LEU B 149 10.08 -8.18 0.85
C LEU B 149 10.28 -9.48 1.63
N THR B 150 11.05 -9.48 2.72
CA THR B 150 11.43 -10.76 3.34
C THR B 150 10.21 -11.41 4.00
N LEU B 151 9.34 -10.65 4.63
CA LEU B 151 8.11 -11.25 5.22
C LEU B 151 7.27 -11.86 4.09
N ASP B 152 7.04 -11.10 3.03
CA ASP B 152 6.18 -11.59 1.92
C ASP B 152 6.81 -12.86 1.34
N THR B 153 8.12 -12.94 1.23
CA THR B 153 8.79 -14.08 0.61
C THR B 153 8.56 -15.33 1.46
N ILE B 154 8.75 -15.26 2.77
CA ILE B 154 8.58 -16.48 3.60
C ILE B 154 7.09 -16.83 3.64
N GLY B 155 6.19 -15.84 3.64
CA GLY B 155 4.75 -16.13 3.63
C GLY B 155 4.32 -16.88 2.36
N LEU B 156 4.81 -16.45 1.20
CA LEU B 156 4.40 -17.02 -0.10
C LEU B 156 5.11 -18.35 -0.33
N CYS B 157 6.44 -18.38 -0.23
CA CYS B 157 7.26 -19.60 -0.49
C CYS B 157 6.87 -20.68 0.52
N GLY B 158 6.71 -20.30 1.78
CA GLY B 158 6.52 -21.27 2.87
C GLY B 158 5.08 -21.75 2.99
N PHE B 159 4.11 -20.88 2.77
CA PHE B 159 2.73 -21.07 3.28
C PHE B 159 1.68 -20.72 2.23
N ASN B 160 2.13 -20.31 1.04
CA ASN B 160 1.24 -19.83 -0.05
C ASN B 160 0.25 -18.80 0.49
N TYR B 161 0.73 -17.90 1.35
CA TYR B 161 -0.07 -16.82 1.97
C TYR B 161 0.55 -15.49 1.54
N ARG B 162 -0.27 -14.58 1.02
CA ARG B 162 0.20 -13.23 0.64
C ARG B 162 -0.08 -12.23 1.78
N PHE B 163 0.97 -11.75 2.43
CA PHE B 163 0.85 -10.63 3.40
C PHE B 163 0.56 -9.31 2.64
N ASN B 164 0.92 -9.25 1.37
CA ASN B 164 0.64 -8.06 0.52
C ASN B 164 1.22 -6.81 1.20
N SER B 165 2.47 -6.92 1.66
CA SER B 165 3.16 -5.82 2.38
C SER B 165 3.36 -4.60 1.46
N PHE B 166 3.51 -4.80 0.15
CA PHE B 166 3.72 -3.67 -0.80
C PHE B 166 2.40 -2.94 -1.08
N TYR B 167 1.28 -3.41 -0.53
CA TYR B 167 -0.05 -2.73 -0.67
C TYR B 167 -0.33 -1.88 0.57
N ARG B 168 0.60 -1.81 1.52
CA ARG B 168 0.46 -1.13 2.83
C ARG B 168 1.57 -0.08 2.99
N ASP B 169 1.21 1.12 3.47
CA ASP B 169 2.17 2.24 3.70
C ASP B 169 2.71 2.12 5.13
N GLN B 170 1.99 1.36 5.98
CA GLN B 170 2.37 1.00 7.36
C GLN B 170 2.95 -0.42 7.34
N PRO B 171 3.62 -0.91 8.41
CA PRO B 171 3.92 -2.35 8.50
C PRO B 171 2.64 -3.20 8.62
N HIS B 172 2.69 -4.45 8.14
CA HIS B 172 1.67 -5.50 8.39
C HIS B 172 1.46 -5.60 9.89
N PRO B 173 0.22 -5.84 10.37
CA PRO B 173 -0.06 -5.91 11.80
C PRO B 173 0.85 -6.95 12.47
N PHE B 174 1.10 -8.10 11.79
CA PHE B 174 2.03 -9.13 12.25
C PHE B 174 3.35 -8.46 12.62
N ILE B 175 3.92 -7.64 11.72
CA ILE B 175 5.26 -7.01 11.92
C ILE B 175 5.24 -6.13 13.18
N THR B 176 4.21 -5.27 13.32
CA THR B 176 4.07 -4.36 14.49
C THR B 176 4.06 -5.17 15.79
N SER B 177 3.24 -6.22 15.88
N SER B 177 3.26 -6.24 15.87
CA SER B 177 3.18 -7.11 17.07
CA SER B 177 3.16 -7.14 17.05
C SER B 177 4.51 -7.86 17.27
C SER B 177 4.48 -7.90 17.27
N MET B 178 5.12 -8.38 16.18
CA MET B 178 6.35 -9.21 16.30
C MET B 178 7.48 -8.31 16.84
N VAL B 179 7.64 -7.12 16.28
CA VAL B 179 8.71 -6.17 16.70
C VAL B 179 8.51 -5.86 18.19
N ARG B 180 7.26 -5.66 18.61
CA ARG B 180 6.96 -5.21 19.99
C ARG B 180 7.23 -6.37 20.95
N ALA B 181 7.04 -7.60 20.49
CA ALA B 181 7.26 -8.84 21.28
C ALA B 181 8.76 -9.04 21.45
N LEU B 182 9.53 -8.93 20.37
CA LEU B 182 11.00 -9.05 20.44
C LEU B 182 11.56 -7.94 21.32
N ASP B 183 11.02 -6.71 21.19
CA ASP B 183 11.45 -5.55 22.00
C ASP B 183 11.14 -5.86 23.47
N GLU B 184 9.95 -6.40 23.75
CA GLU B 184 9.61 -6.81 25.14
C GLU B 184 10.63 -7.87 25.62
N ALA B 185 10.94 -8.90 24.81
CA ALA B 185 11.86 -9.98 25.26
C ALA B 185 13.22 -9.36 25.57
N MET B 186 13.72 -8.45 24.72
CA MET B 186 15.02 -7.75 24.99
C MET B 186 14.95 -6.94 26.30
N ASN B 187 13.83 -6.24 26.51
N ASN B 187 13.87 -6.18 26.50
CA ASN B 187 13.62 -5.29 27.64
CA ASN B 187 13.72 -5.30 27.70
C ASN B 187 13.44 -6.06 28.97
C ASN B 187 13.63 -6.16 28.96
N LYS B 188 12.96 -7.31 28.91
CA LYS B 188 12.83 -8.16 30.12
C LYS B 188 14.21 -8.61 30.61
N LEU B 189 15.21 -8.66 29.74
CA LEU B 189 16.58 -9.09 30.16
C LEU B 189 17.16 -8.16 31.23
N GLN B 190 16.73 -6.90 31.29
CA GLN B 190 17.37 -5.87 32.15
C GLN B 190 16.58 -5.65 33.45
N ARG B 191 15.39 -6.26 33.58
CA ARG B 191 14.45 -6.00 34.71
C ARG B 191 14.92 -6.73 35.97
N ALA B 192 15.33 -5.98 36.99
CA ALA B 192 15.69 -6.50 38.34
C ALA B 192 14.45 -7.11 38.97
N ASN B 193 13.31 -6.40 38.89
CA ASN B 193 12.03 -6.79 39.53
C ASN B 193 10.99 -6.95 38.42
N PRO B 194 10.95 -8.14 37.75
CA PRO B 194 9.95 -8.48 36.73
C PRO B 194 8.47 -8.28 37.07
N ASP B 195 8.06 -8.62 38.30
CA ASP B 195 6.63 -8.64 38.70
C ASP B 195 6.26 -7.32 39.38
N ASP B 196 7.10 -6.29 39.20
CA ASP B 196 6.87 -4.87 39.59
C ASP B 196 5.68 -4.32 38.79
N PRO B 197 4.71 -3.62 39.44
CA PRO B 197 3.52 -3.11 38.74
C PRO B 197 3.69 -2.22 37.50
N ALA B 198 4.81 -1.48 37.42
CA ALA B 198 5.17 -0.59 36.29
C ALA B 198 5.27 -1.39 34.97
N TYR B 199 5.31 -2.74 35.04
CA TYR B 199 5.43 -3.66 33.89
C TYR B 199 4.11 -4.39 33.60
N ASP B 200 3.05 -4.19 34.40
CA ASP B 200 1.72 -4.84 34.19
C ASP B 200 1.23 -4.59 32.76
N GLU B 201 1.35 -3.34 32.28
CA GLU B 201 0.89 -2.89 30.93
C GLU B 201 1.78 -3.52 29.85
N ASN B 202 3.09 -3.57 30.06
CA ASN B 202 4.03 -4.26 29.13
C ASN B 202 3.57 -5.73 28.99
N LYS B 203 3.19 -6.37 30.09
CA LYS B 203 2.77 -7.80 30.11
C LYS B 203 1.45 -7.96 29.33
N ARG B 204 0.45 -7.10 29.55
CA ARG B 204 -0.84 -7.19 28.82
C ARG B 204 -0.62 -6.91 27.32
N GLN B 205 0.27 -5.97 26.96
CA GLN B 205 0.60 -5.64 25.54
C GLN B 205 1.29 -6.85 24.91
N PHE B 206 2.22 -7.49 25.63
CA PHE B 206 2.91 -8.74 25.21
C PHE B 206 1.89 -9.84 24.87
N GLN B 207 0.95 -10.13 25.77
N GLN B 207 0.95 -10.13 25.77
CA GLN B 207 -0.14 -11.12 25.53
CA GLN B 207 -0.14 -11.10 25.53
C GLN B 207 -0.91 -10.70 24.27
C GLN B 207 -0.91 -10.70 24.27
N GLU B 208 -1.21 -9.40 24.11
CA GLU B 208 -1.96 -8.88 22.94
C GLU B 208 -1.18 -9.19 21.66
N ASP B 209 0.12 -8.91 21.66
CA ASP B 209 0.99 -9.13 20.48
C ASP B 209 1.08 -10.63 20.17
N ILE B 210 1.12 -11.49 21.19
CA ILE B 210 1.14 -12.97 20.99
C ILE B 210 -0.17 -13.43 20.30
N LYS B 211 -1.29 -12.82 20.68
N LYS B 211 -1.29 -12.82 20.67
CA LYS B 211 -2.65 -13.10 20.15
CA LYS B 211 -2.65 -13.12 20.13
C LYS B 211 -2.72 -12.72 18.66
C LYS B 211 -2.74 -12.71 18.66
N VAL B 212 -2.17 -11.56 18.30
CA VAL B 212 -2.08 -11.08 16.88
C VAL B 212 -1.31 -12.10 16.04
N MET B 213 -0.14 -12.53 16.51
N MET B 213 -0.11 -12.53 16.47
CA MET B 213 0.73 -13.49 15.76
CA MET B 213 0.69 -13.50 15.64
C MET B 213 -0.03 -14.81 15.58
C MET B 213 -0.06 -14.83 15.54
N ASN B 214 -0.73 -15.29 16.60
CA ASN B 214 -1.45 -16.60 16.59
C ASN B 214 -2.72 -16.51 15.74
N ASP B 215 -3.41 -15.35 15.73
CA ASP B 215 -4.59 -15.16 14.84
C ASP B 215 -4.14 -15.36 13.38
N LEU B 216 -3.03 -14.73 13.01
N LEU B 216 -3.04 -14.72 13.01
CA LEU B 216 -2.46 -14.80 11.63
CA LEU B 216 -2.49 -14.82 11.62
C LEU B 216 -2.10 -16.25 11.28
C LEU B 216 -2.15 -16.27 11.29
N VAL B 217 -1.55 -17.00 12.24
CA VAL B 217 -1.22 -18.44 12.06
C VAL B 217 -2.51 -19.20 11.82
N ASP B 218 -3.59 -18.88 12.55
CA ASP B 218 -4.93 -19.51 12.34
C ASP B 218 -5.33 -19.35 10.87
N LYS B 219 -5.26 -18.12 10.36
CA LYS B 219 -5.61 -17.75 8.96
C LYS B 219 -4.82 -18.62 7.98
N ILE B 220 -3.50 -18.71 8.15
CA ILE B 220 -2.62 -19.50 7.23
C ILE B 220 -3.07 -20.97 7.21
N ILE B 221 -3.40 -21.54 8.37
N ILE B 221 -3.38 -21.56 8.37
CA ILE B 221 -3.69 -23.00 8.41
CA ILE B 221 -3.72 -23.02 8.43
C ILE B 221 -5.11 -23.20 7.85
C ILE B 221 -5.11 -23.19 7.82
N ALA B 222 -6.07 -22.32 8.20
CA ALA B 222 -7.44 -22.31 7.62
C ALA B 222 -7.41 -22.12 6.08
N ASP B 223 -6.60 -21.17 5.58
CA ASP B 223 -6.38 -20.88 4.13
C ASP B 223 -5.96 -22.21 3.47
N ARG B 224 -4.95 -22.89 4.03
CA ARG B 224 -4.57 -24.27 3.59
C ARG B 224 -5.69 -25.26 3.98
N SER B 231 -0.51 -27.74 -3.42
CA SER B 231 0.78 -27.12 -2.99
C SER B 231 1.76 -28.21 -2.57
N ASP B 232 3.06 -27.98 -2.75
CA ASP B 232 4.14 -28.76 -2.09
C ASP B 232 5.19 -27.78 -1.56
N ASP B 233 4.90 -27.21 -0.39
CA ASP B 233 5.72 -26.15 0.25
C ASP B 233 6.01 -26.54 1.70
N LEU B 234 6.61 -25.63 2.45
CA LEU B 234 6.98 -25.90 3.87
C LEU B 234 5.72 -26.33 4.64
N LEU B 235 4.59 -25.69 4.41
CA LEU B 235 3.36 -26.03 5.17
C LEU B 235 2.87 -27.43 4.77
N THR B 236 3.04 -27.83 3.52
CA THR B 236 2.69 -29.21 3.09
C THR B 236 3.44 -30.22 3.98
N HIS B 237 4.75 -30.03 4.16
CA HIS B 237 5.60 -30.95 4.98
C HIS B 237 5.23 -30.85 6.45
N MET B 238 4.95 -29.66 6.98
CA MET B 238 4.52 -29.53 8.38
C MET B 238 3.25 -30.36 8.55
N LEU B 239 2.33 -30.39 7.56
CA LEU B 239 0.99 -31.05 7.70
C LEU B 239 1.02 -32.56 7.36
N ASN B 240 1.90 -32.99 6.45
N ASN B 240 1.85 -32.98 6.40
CA ASN B 240 1.84 -34.34 5.83
CA ASN B 240 1.83 -34.36 5.84
C ASN B 240 3.11 -35.17 6.03
C ASN B 240 3.08 -35.18 6.24
N GLY B 241 4.26 -34.55 6.32
CA GLY B 241 5.55 -35.25 6.42
C GLY B 241 5.66 -36.14 7.64
N LYS B 242 6.34 -37.29 7.50
CA LYS B 242 6.59 -38.23 8.62
C LYS B 242 8.09 -38.31 8.93
N ASP B 243 8.41 -38.24 10.22
CA ASP B 243 9.79 -38.43 10.72
C ASP B 243 10.18 -39.88 10.48
N PRO B 244 11.28 -40.19 9.74
CA PRO B 244 11.69 -41.58 9.56
C PRO B 244 11.99 -42.32 10.88
N GLU B 245 12.46 -41.60 11.89
CA GLU B 245 12.87 -42.20 13.18
C GLU B 245 11.63 -42.66 13.95
N THR B 246 10.80 -41.71 14.39
CA THR B 246 9.58 -42.02 15.15
C THR B 246 8.48 -42.61 14.25
N GLY B 247 8.51 -42.33 12.94
CA GLY B 247 7.42 -42.65 11.99
C GLY B 247 6.23 -41.72 12.14
N GLU B 248 6.34 -40.68 12.97
CA GLU B 248 5.21 -39.80 13.33
C GLU B 248 5.27 -38.48 12.54
N PRO B 249 4.11 -37.90 12.21
CA PRO B 249 4.04 -36.51 11.76
C PRO B 249 4.01 -35.50 12.93
N LEU B 250 4.18 -34.20 12.65
CA LEU B 250 4.06 -33.17 13.72
C LEU B 250 2.60 -33.09 14.21
N ASP B 251 2.40 -32.77 15.50
CA ASP B 251 1.06 -32.51 16.10
C ASP B 251 0.70 -31.03 15.88
N ASP B 252 -0.56 -30.69 16.13
CA ASP B 252 -1.16 -29.36 15.84
C ASP B 252 -0.49 -28.29 16.68
N GLU B 253 -0.31 -28.50 17.99
CA GLU B 253 0.37 -27.50 18.84
C GLU B 253 1.75 -27.20 18.22
N ASN B 254 2.53 -28.21 17.82
CA ASN B 254 3.90 -28.01 17.29
C ASN B 254 3.87 -27.31 15.91
N ILE B 255 2.97 -27.69 15.03
CA ILE B 255 2.87 -27.06 13.68
C ILE B 255 2.66 -25.54 13.86
N ARG B 256 1.80 -25.16 14.81
N ARG B 256 1.79 -25.16 14.81
CA ARG B 256 1.48 -23.74 15.13
CA ARG B 256 1.49 -23.74 15.13
C ARG B 256 2.78 -23.04 15.55
C ARG B 256 2.79 -23.04 15.55
N TYR B 257 3.61 -23.69 16.36
CA TYR B 257 4.90 -23.09 16.81
C TYR B 257 5.88 -22.99 15.62
N GLN B 258 5.88 -23.94 14.71
CA GLN B 258 6.82 -23.94 13.56
C GLN B 258 6.43 -22.79 12.62
N ILE B 259 5.14 -22.55 12.43
CA ILE B 259 4.71 -21.45 11.51
C ILE B 259 5.19 -20.12 12.10
N ILE B 260 4.91 -19.90 13.37
CA ILE B 260 5.33 -18.65 14.05
C ILE B 260 6.85 -18.53 13.91
N THR B 261 7.57 -19.61 14.18
CA THR B 261 9.04 -19.61 14.16
C THR B 261 9.53 -19.19 12.76
N PHE B 262 8.99 -19.78 11.71
N PHE B 262 8.98 -19.78 11.71
CA PHE B 262 9.50 -19.47 10.34
CA PHE B 262 9.47 -19.58 10.33
C PHE B 262 9.14 -18.05 9.94
C PHE B 262 9.07 -18.17 9.85
N LEU B 263 7.96 -17.59 10.33
CA LEU B 263 7.57 -16.21 9.95
C LEU B 263 8.53 -15.22 10.59
N ILE B 264 8.97 -15.50 11.80
CA ILE B 264 9.95 -14.61 12.49
C ILE B 264 11.38 -14.91 11.98
N ALA B 265 11.87 -16.13 12.20
CA ALA B 265 13.25 -16.57 11.86
C ALA B 265 13.45 -16.44 10.36
N GLY B 266 12.40 -16.67 9.60
CA GLY B 266 12.46 -16.69 8.13
C GLY B 266 12.34 -15.32 7.46
N HIS B 267 12.20 -14.21 8.19
CA HIS B 267 12.37 -12.88 7.52
C HIS B 267 13.23 -11.85 8.26
N GLU B 268 13.19 -11.79 9.60
CA GLU B 268 13.70 -10.58 10.30
C GLU B 268 15.20 -10.44 10.03
N THR B 269 15.95 -11.52 10.22
CA THR B 269 17.42 -11.46 10.04
C THR B 269 17.76 -11.22 8.58
N THR B 270 16.94 -11.70 7.62
CA THR B 270 17.23 -11.51 6.18
C THR B 270 17.01 -10.04 5.83
N SER B 271 15.98 -9.42 6.39
N SER B 271 15.98 -9.40 6.40
CA SER B 271 15.72 -7.97 6.17
CA SER B 271 15.74 -7.95 6.15
C SER B 271 16.94 -7.18 6.68
C SER B 271 16.93 -7.15 6.68
N GLY B 272 17.46 -7.55 7.84
CA GLY B 272 18.66 -6.91 8.40
C GLY B 272 19.84 -7.07 7.47
N LEU B 273 20.05 -8.29 6.96
CA LEU B 273 21.23 -8.55 6.09
C LEU B 273 21.13 -7.67 4.85
N LEU B 274 19.96 -7.62 4.21
CA LEU B 274 19.82 -6.78 3.00
C LEU B 274 20.06 -5.30 3.34
N SER B 275 19.55 -4.83 4.49
CA SER B 275 19.70 -3.42 4.89
C SER B 275 21.18 -3.11 5.11
N PHE B 276 21.90 -3.95 5.86
CA PHE B 276 23.34 -3.74 6.10
C PHE B 276 24.12 -3.81 4.78
N ALA B 277 23.78 -4.76 3.91
CA ALA B 277 24.51 -4.93 2.64
C ALA B 277 24.36 -3.65 1.81
N LEU B 278 23.14 -3.12 1.71
CA LEU B 278 22.98 -1.87 0.91
C LEU B 278 23.73 -0.72 1.59
N TYR B 279 23.68 -0.64 2.91
CA TYR B 279 24.46 0.37 3.68
C TYR B 279 25.92 0.29 3.29
N PHE B 280 26.55 -0.88 3.43
CA PHE B 280 27.99 -1.00 3.10
C PHE B 280 28.25 -0.67 1.62
N LEU B 281 27.34 -1.05 0.73
CA LEU B 281 27.54 -0.76 -0.70
C LEU B 281 27.55 0.76 -0.94
N VAL B 282 26.62 1.53 -0.39
CA VAL B 282 26.62 3.00 -0.70
C VAL B 282 27.80 3.69 -0.01
N LYS B 283 28.33 3.14 1.08
CA LYS B 283 29.52 3.71 1.76
C LYS B 283 30.83 3.28 1.10
N ASN B 284 30.81 2.32 0.17
CA ASN B 284 32.03 1.74 -0.45
C ASN B 284 31.84 1.67 -1.96
N PRO B 285 31.93 2.82 -2.66
CA PRO B 285 31.61 2.86 -4.08
C PRO B 285 32.40 1.90 -4.99
N HIS B 286 33.68 1.59 -4.68
CA HIS B 286 34.46 0.64 -5.51
C HIS B 286 33.76 -0.72 -5.41
N VAL B 287 33.30 -1.08 -4.20
CA VAL B 287 32.62 -2.38 -3.98
C VAL B 287 31.27 -2.38 -4.72
N LEU B 288 30.52 -1.29 -4.63
CA LEU B 288 29.22 -1.19 -5.35
C LEU B 288 29.44 -1.35 -6.86
N GLN B 289 30.44 -0.70 -7.43
CA GLN B 289 30.74 -0.82 -8.89
C GLN B 289 30.98 -2.30 -9.23
N LYS B 290 31.81 -3.01 -8.44
CA LYS B 290 32.12 -4.42 -8.76
C LYS B 290 30.84 -5.26 -8.69
N ALA B 291 30.02 -5.03 -7.67
CA ALA B 291 28.78 -5.83 -7.51
C ALA B 291 27.77 -5.50 -8.62
N ALA B 292 27.66 -4.23 -8.97
CA ALA B 292 26.74 -3.79 -10.05
C ALA B 292 27.19 -4.35 -11.41
N GLU B 293 28.50 -4.43 -11.65
N GLU B 293 28.50 -4.44 -11.68
CA GLU B 293 29.04 -5.01 -12.91
CA GLU B 293 28.98 -4.97 -12.98
C GLU B 293 28.54 -6.45 -13.01
C GLU B 293 28.67 -6.47 -13.05
N GLU B 294 28.69 -7.19 -11.92
CA GLU B 294 28.38 -8.62 -11.92
C GLU B 294 26.88 -8.78 -12.17
N ALA B 295 26.04 -7.98 -11.48
CA ALA B 295 24.58 -8.09 -11.65
C ALA B 295 24.19 -7.84 -13.12
N ALA B 296 24.80 -6.84 -13.75
CA ALA B 296 24.49 -6.43 -15.15
C ALA B 296 24.88 -7.55 -16.10
N ARG B 297 26.04 -8.17 -15.87
CA ARG B 297 26.60 -9.19 -16.78
C ARG B 297 25.83 -10.51 -16.67
N VAL B 298 25.43 -10.88 -15.47
CA VAL B 298 24.85 -12.21 -15.17
C VAL B 298 23.34 -12.19 -15.40
N LEU B 299 22.64 -11.16 -14.94
CA LEU B 299 21.16 -11.15 -14.94
C LEU B 299 20.67 -10.61 -16.29
N VAL B 300 20.86 -11.39 -17.35
CA VAL B 300 20.67 -10.92 -18.77
C VAL B 300 19.19 -10.97 -19.18
N ASP B 301 18.35 -11.64 -18.40
CA ASP B 301 16.90 -11.84 -18.69
C ASP B 301 16.05 -10.99 -17.76
N PRO B 302 14.83 -10.57 -18.19
CA PRO B 302 13.99 -9.77 -17.31
C PRO B 302 13.58 -10.50 -16.03
N VAL B 303 13.43 -11.83 -16.08
CA VAL B 303 13.13 -12.72 -14.93
C VAL B 303 14.42 -13.47 -14.62
N PRO B 304 15.12 -13.20 -13.49
CA PRO B 304 16.28 -14.00 -13.12
C PRO B 304 15.92 -15.47 -12.93
N SER B 305 16.79 -16.35 -13.40
CA SER B 305 16.67 -17.81 -13.20
C SER B 305 17.44 -18.24 -11.95
N TYR B 306 17.13 -19.44 -11.47
CA TYR B 306 17.86 -20.08 -10.36
C TYR B 306 19.36 -20.14 -10.72
N LYS B 307 19.70 -20.64 -11.90
CA LYS B 307 21.12 -20.79 -12.34
C LYS B 307 21.84 -19.43 -12.36
N GLN B 308 21.17 -18.35 -12.75
CA GLN B 308 21.80 -17.01 -12.80
C GLN B 308 22.10 -16.55 -11.37
N VAL B 309 21.18 -16.77 -10.45
CA VAL B 309 21.43 -16.31 -9.05
C VAL B 309 22.65 -17.04 -8.50
N LYS B 310 22.83 -18.32 -8.83
CA LYS B 310 24.01 -19.12 -8.37
C LYS B 310 25.32 -18.54 -8.92
N GLN B 311 25.28 -17.83 -10.05
CA GLN B 311 26.45 -17.18 -10.69
C GLN B 311 26.83 -15.85 -10.05
N LEU B 312 26.02 -15.28 -9.15
CA LEU B 312 26.34 -13.96 -8.55
C LEU B 312 27.33 -14.15 -7.38
N LYS B 313 28.55 -14.55 -7.69
CA LYS B 313 29.60 -14.86 -6.70
CA LYS B 313 29.61 -14.86 -6.71
C LYS B 313 29.94 -13.62 -5.86
N TYR B 314 30.17 -12.48 -6.50
CA TYR B 314 30.61 -11.26 -5.78
C TYR B 314 29.45 -10.75 -4.93
N VAL B 315 28.24 -10.83 -5.46
CA VAL B 315 27.05 -10.42 -4.64
C VAL B 315 27.02 -11.30 -3.37
N GLY B 316 27.28 -12.60 -3.51
CA GLY B 316 27.39 -13.51 -2.35
C GLY B 316 28.51 -13.12 -1.39
N MET B 317 29.65 -12.64 -1.90
CA MET B 317 30.78 -12.15 -1.08
C MET B 317 30.35 -10.89 -0.30
N VAL B 318 29.61 -10.00 -0.95
CA VAL B 318 29.09 -8.78 -0.30
C VAL B 318 28.22 -9.18 0.89
N LEU B 319 27.34 -10.16 0.69
CA LEU B 319 26.39 -10.60 1.75
C LEU B 319 27.19 -11.25 2.89
N ASN B 320 28.21 -12.04 2.58
CA ASN B 320 29.04 -12.66 3.65
C ASN B 320 29.81 -11.59 4.41
N GLU B 321 30.31 -10.56 3.73
CA GLU B 321 31.08 -9.50 4.41
C GLU B 321 30.12 -8.68 5.27
N ALA B 322 28.86 -8.48 4.85
CA ALA B 322 27.87 -7.78 5.70
C ALA B 322 27.55 -8.64 6.93
N LEU B 323 27.44 -9.96 6.76
CA LEU B 323 27.22 -10.86 7.91
C LEU B 323 28.46 -10.91 8.81
N ARG B 324 29.65 -10.72 8.25
CA ARG B 324 30.88 -10.68 9.09
C ARG B 324 30.75 -9.50 10.06
N LEU B 325 30.52 -8.30 9.54
CA LEU B 325 30.54 -7.10 10.40
C LEU B 325 29.29 -7.02 11.27
N TRP B 326 28.11 -7.32 10.73
CA TRP B 326 26.84 -7.15 11.48
C TRP B 326 25.98 -8.39 11.32
N PRO B 327 26.37 -9.51 11.93
CA PRO B 327 25.53 -10.71 11.92
C PRO B 327 24.21 -10.38 12.63
N THR B 328 23.09 -10.57 11.93
CA THR B 328 21.79 -10.00 12.35
C THR B 328 21.11 -10.81 13.44
N ALA B 329 21.51 -12.06 13.69
CA ALA B 329 21.23 -12.83 14.91
C ALA B 329 22.54 -12.89 15.69
N PRO B 330 22.85 -11.88 16.52
CA PRO B 330 24.25 -11.63 16.86
C PRO B 330 24.88 -12.49 17.97
N ALA B 331 24.11 -13.38 18.57
CA ALA B 331 24.67 -14.28 19.60
C ALA B 331 23.97 -15.63 19.55
N PHE B 332 24.65 -16.63 20.08
CA PHE B 332 24.05 -17.95 20.38
C PHE B 332 24.69 -18.47 21.66
N SER B 333 23.91 -19.27 22.37
CA SER B 333 24.22 -19.71 23.75
C SER B 333 24.48 -21.22 23.74
N LEU B 334 25.41 -21.68 24.58
CA LEU B 334 25.80 -23.11 24.73
C LEU B 334 25.83 -23.44 26.22
N TYR B 335 25.61 -24.71 26.57
CA TYR B 335 25.87 -25.19 27.95
C TYR B 335 26.87 -26.34 27.89
N ALA B 336 27.66 -26.47 28.95
CA ALA B 336 28.66 -27.54 29.13
C ALA B 336 27.92 -28.84 29.42
N LYS B 337 28.09 -29.85 28.57
CA LYS B 337 27.42 -31.16 28.78
C LYS B 337 27.99 -31.86 30.02
N GLU B 338 29.28 -31.66 30.28
CA GLU B 338 29.99 -32.23 31.47
C GLU B 338 30.97 -31.18 31.99
N ASP B 339 31.54 -31.42 33.18
CA ASP B 339 32.68 -30.62 33.66
C ASP B 339 33.76 -30.65 32.57
N THR B 340 34.37 -29.52 32.26
CA THR B 340 35.38 -29.44 31.19
C THR B 340 36.21 -28.18 31.42
N VAL B 341 37.39 -28.14 30.83
CA VAL B 341 38.25 -26.92 30.91
C VAL B 341 38.24 -26.27 29.54
N LEU B 342 37.88 -24.99 29.50
CA LEU B 342 37.88 -24.19 28.26
C LEU B 342 39.24 -23.52 28.09
N GLY B 343 39.89 -23.76 26.95
CA GLY B 343 41.10 -23.02 26.53
C GLY B 343 42.32 -23.39 27.38
N GLY B 344 42.23 -24.47 28.15
CA GLY B 344 43.28 -24.91 29.09
C GLY B 344 43.33 -24.06 30.34
N GLU B 345 42.39 -23.13 30.53
CA GLU B 345 42.54 -22.01 31.50
C GLU B 345 41.28 -21.83 32.35
N TYR B 346 40.08 -22.13 31.83
CA TYR B 346 38.80 -21.71 32.45
C TYR B 346 37.98 -22.94 32.78
N PRO B 347 38.01 -23.44 34.03
CA PRO B 347 37.22 -24.61 34.41
C PRO B 347 35.73 -24.26 34.38
N LEU B 348 34.96 -25.17 33.78
CA LEU B 348 33.49 -25.06 33.71
C LEU B 348 32.91 -26.29 34.42
N GLU B 349 31.78 -26.06 35.08
CA GLU B 349 30.93 -27.12 35.66
C GLU B 349 29.85 -27.49 34.65
N LYS B 350 29.48 -28.77 34.62
CA LYS B 350 28.30 -29.26 33.88
C LYS B 350 27.17 -28.25 34.06
N GLY B 351 26.55 -27.84 32.95
CA GLY B 351 25.41 -26.90 32.94
C GLY B 351 25.84 -25.45 32.76
N ASP B 352 27.12 -25.11 32.93
CA ASP B 352 27.59 -23.70 32.82
C ASP B 352 27.30 -23.15 31.43
N GLU B 353 26.88 -21.89 31.35
N GLU B 353 26.85 -21.89 31.36
CA GLU B 353 26.42 -21.28 30.07
CA GLU B 353 26.42 -21.22 30.10
C GLU B 353 27.54 -20.41 29.47
C GLU B 353 27.59 -20.45 29.48
N LEU B 354 27.68 -20.51 28.14
CA LEU B 354 28.56 -19.69 27.30
C LEU B 354 27.68 -18.91 26.33
N MET B 355 28.03 -17.65 26.08
N MET B 355 28.03 -17.66 26.07
CA MET B 355 27.38 -16.80 25.04
CA MET B 355 27.37 -16.84 25.03
C MET B 355 28.45 -16.49 24.00
C MET B 355 28.44 -16.50 24.00
N VAL B 356 28.21 -16.86 22.74
CA VAL B 356 29.12 -16.52 21.62
C VAL B 356 28.70 -15.15 21.10
N LEU B 357 29.60 -14.16 21.20
CA LEU B 357 29.32 -12.79 20.69
C LEU B 357 29.82 -12.73 19.24
N ILE B 358 28.94 -13.02 18.30
CA ILE B 358 29.34 -13.26 16.89
C ILE B 358 30.03 -12.02 16.32
N PRO B 359 29.56 -10.77 16.54
CA PRO B 359 30.27 -9.62 15.96
C PRO B 359 31.72 -9.52 16.42
N GLN B 360 32.00 -9.96 17.66
CA GLN B 360 33.38 -9.90 18.21
C GLN B 360 34.21 -11.00 17.58
N LEU B 361 33.66 -12.20 17.48
CA LEU B 361 34.33 -13.33 16.79
C LEU B 361 34.79 -12.83 15.41
N HIS B 362 33.89 -12.14 14.71
CA HIS B 362 34.11 -11.65 13.32
C HIS B 362 35.10 -10.48 13.27
N ARG B 363 35.56 -9.99 14.43
CA ARG B 363 36.57 -8.88 14.50
C ARG B 363 37.87 -9.40 15.14
N ASP B 364 38.06 -10.71 15.25
CA ASP B 364 39.31 -11.31 15.82
C ASP B 364 40.48 -11.04 14.86
N LYS B 365 41.36 -10.10 15.21
CA LYS B 365 42.46 -9.64 14.33
C LYS B 365 43.43 -10.79 14.08
N THR B 366 43.51 -11.79 14.97
CA THR B 366 44.41 -12.95 14.82
C THR B 366 43.93 -13.82 13.65
N ILE B 367 42.65 -13.69 13.27
CA ILE B 367 42.05 -14.46 12.14
C ILE B 367 42.02 -13.57 10.90
N TRP B 368 41.50 -12.34 11.02
CA TRP B 368 41.12 -11.53 9.85
C TRP B 368 42.16 -10.50 9.48
N GLY B 369 43.14 -10.22 10.35
CA GLY B 369 44.15 -9.16 10.12
C GLY B 369 43.71 -7.84 10.72
N ASP B 370 44.52 -6.80 10.52
CA ASP B 370 44.36 -5.54 11.29
C ASP B 370 43.18 -4.71 10.72
N ASP B 371 42.75 -4.98 9.48
CA ASP B 371 41.76 -4.17 8.73
C ASP B 371 40.33 -4.66 9.00
N VAL B 372 40.03 -5.20 10.20
CA VAL B 372 38.75 -5.95 10.47
C VAL B 372 37.54 -5.02 10.35
N GLU B 373 37.66 -3.72 10.55
CA GLU B 373 36.49 -2.80 10.45
C GLU B 373 36.19 -2.42 9.00
N GLU B 374 37.07 -2.71 8.05
CA GLU B 374 36.88 -2.33 6.64
C GLU B 374 35.95 -3.35 5.98
N PHE B 375 35.13 -2.86 5.06
CA PHE B 375 34.18 -3.65 4.27
C PHE B 375 34.88 -4.07 2.98
N ARG B 376 35.36 -5.32 2.97
N ARG B 376 35.32 -5.33 2.95
CA ARG B 376 36.20 -5.87 1.87
CA ARG B 376 36.20 -5.87 1.90
C ARG B 376 35.66 -7.25 1.52
C ARG B 376 35.68 -7.26 1.50
N PRO B 377 34.69 -7.35 0.60
CA PRO B 377 34.15 -8.64 0.19
C PRO B 377 35.20 -9.63 -0.34
N GLU B 378 36.30 -9.10 -0.84
CA GLU B 378 37.44 -9.89 -1.38
C GLU B 378 38.00 -10.84 -0.31
N ARG B 379 37.73 -10.62 0.98
CA ARG B 379 38.13 -11.56 2.06
C ARG B 379 37.54 -12.95 1.80
N PHE B 380 36.40 -13.00 1.10
CA PHE B 380 35.63 -14.25 0.85
C PHE B 380 35.86 -14.80 -0.55
N GLU B 381 36.81 -14.24 -1.31
N GLU B 381 36.84 -14.28 -1.30
CA GLU B 381 37.18 -14.68 -2.69
CA GLU B 381 37.08 -14.69 -2.70
C GLU B 381 37.38 -16.20 -2.69
C GLU B 381 37.48 -16.18 -2.76
N ASN B 382 38.19 -16.67 -1.73
CA ASN B 382 38.63 -18.09 -1.60
C ASN B 382 38.07 -18.67 -0.31
N PRO B 383 36.97 -19.46 -0.36
CA PRO B 383 36.34 -19.96 0.86
C PRO B 383 37.26 -20.84 1.73
N SER B 384 38.18 -21.57 1.08
N SER B 384 38.19 -21.55 1.09
CA SER B 384 39.16 -22.49 1.72
CA SER B 384 39.13 -22.50 1.73
C SER B 384 40.01 -21.74 2.76
C SER B 384 40.08 -21.77 2.70
N ALA B 385 40.25 -20.45 2.53
CA ALA B 385 41.16 -19.62 3.35
C ALA B 385 40.50 -19.18 4.67
N ILE B 386 39.20 -19.37 4.87
CA ILE B 386 38.51 -19.06 6.16
C ILE B 386 38.64 -20.24 7.12
N PRO B 387 39.33 -20.11 8.28
CA PRO B 387 39.45 -21.21 9.24
C PRO B 387 38.11 -21.70 9.78
N GLN B 388 38.03 -22.97 10.20
CA GLN B 388 36.80 -23.55 10.84
C GLN B 388 36.46 -22.70 12.08
N HIS B 389 35.17 -22.43 12.25
CA HIS B 389 34.58 -21.69 13.39
C HIS B 389 35.06 -20.23 13.45
N ALA B 390 35.66 -19.65 12.40
CA ALA B 390 36.02 -18.21 12.34
C ALA B 390 34.81 -17.37 11.94
N PHE B 391 33.89 -17.93 11.17
CA PHE B 391 32.77 -17.18 10.56
C PHE B 391 31.50 -17.99 10.88
N LYS B 392 30.66 -17.47 11.77
N LYS B 392 30.66 -17.48 11.79
CA LYS B 392 29.54 -18.26 12.35
CA LYS B 392 29.54 -18.28 12.34
C LYS B 392 28.25 -17.45 12.39
C LYS B 392 28.26 -17.45 12.39
N PRO B 393 27.86 -16.75 11.30
CA PRO B 393 26.62 -15.98 11.34
C PRO B 393 25.37 -16.86 11.41
N PHE B 394 25.49 -18.16 11.12
CA PHE B 394 24.33 -19.10 11.13
C PHE B 394 24.43 -20.11 12.28
N GLY B 395 25.23 -19.80 13.30
CA GLY B 395 25.35 -20.69 14.47
C GLY B 395 26.20 -21.91 14.18
N ASN B 396 25.91 -23.03 14.84
CA ASN B 396 26.87 -24.14 14.90
C ASN B 396 26.20 -25.51 14.82
N GLY B 397 26.80 -26.41 14.03
CA GLY B 397 26.53 -27.85 14.09
C GLY B 397 25.10 -28.19 13.77
N GLN B 398 24.54 -29.16 14.48
CA GLN B 398 23.18 -29.67 14.19
C GLN B 398 22.13 -28.62 14.53
N ARG B 399 22.49 -27.60 15.35
CA ARG B 399 21.58 -26.50 15.72
C ARG B 399 21.90 -25.25 14.89
N ALA B 400 22.62 -25.38 13.78
CA ALA B 400 22.85 -24.25 12.87
C ALA B 400 21.53 -23.89 12.17
N CYS B 401 21.50 -22.71 11.61
CA CYS B 401 20.32 -22.19 10.89
C CYS B 401 19.86 -23.17 9.80
N ILE B 402 18.61 -23.62 9.85
CA ILE B 402 18.03 -24.50 8.79
C ILE B 402 17.71 -23.64 7.55
N GLY B 403 17.61 -22.33 7.71
CA GLY B 403 17.19 -21.40 6.64
C GLY B 403 18.35 -20.76 5.88
N GLN B 404 19.60 -21.15 6.14
CA GLN B 404 20.78 -20.45 5.59
C GLN B 404 20.67 -20.37 4.06
N GLN B 405 20.42 -21.49 3.39
CA GLN B 405 20.42 -21.55 1.91
C GLN B 405 19.27 -20.68 1.38
N PHE B 406 18.11 -20.74 2.03
CA PHE B 406 16.90 -19.96 1.64
C PHE B 406 17.23 -18.47 1.73
N ALA B 407 17.74 -18.02 2.89
CA ALA B 407 18.06 -16.61 3.14
C ALA B 407 19.05 -16.11 2.09
N LEU B 408 20.13 -16.86 1.85
CA LEU B 408 21.19 -16.38 0.94
C LEU B 408 20.68 -16.40 -0.51
N HIS B 409 19.84 -17.34 -0.88
CA HIS B 409 19.26 -17.35 -2.24
C HIS B 409 18.38 -16.11 -2.43
N GLU B 410 17.49 -15.85 -1.47
CA GLU B 410 16.60 -14.68 -1.52
C GLU B 410 17.44 -13.41 -1.56
N ALA B 411 18.41 -13.28 -0.67
CA ALA B 411 19.19 -12.02 -0.53
C ALA B 411 20.03 -11.81 -1.79
N THR B 412 20.59 -12.88 -2.36
CA THR B 412 21.44 -12.75 -3.57
C THR B 412 20.57 -12.34 -4.77
N LEU B 413 19.42 -12.99 -4.93
CA LEU B 413 18.46 -12.65 -6.01
C LEU B 413 18.08 -11.16 -5.91
N VAL B 414 17.68 -10.73 -4.73
CA VAL B 414 17.07 -9.39 -4.55
C VAL B 414 18.17 -8.33 -4.68
N LEU B 415 19.31 -8.54 -4.06
CA LEU B 415 20.41 -7.56 -4.17
C LEU B 415 20.88 -7.51 -5.63
N GLY B 416 20.95 -8.64 -6.32
CA GLY B 416 21.32 -8.65 -7.74
C GLY B 416 20.33 -7.82 -8.54
N MET B 417 19.03 -8.01 -8.31
CA MET B 417 18.02 -7.26 -9.08
C MET B 417 18.10 -5.77 -8.73
N MET B 418 18.25 -5.44 -7.46
CA MET B 418 18.41 -4.01 -7.06
C MET B 418 19.60 -3.37 -7.81
N LEU B 419 20.74 -4.04 -7.87
CA LEU B 419 21.96 -3.46 -8.50
C LEU B 419 21.82 -3.45 -10.02
N LYS B 420 21.04 -4.36 -10.57
CA LYS B 420 20.80 -4.36 -12.04
C LYS B 420 19.94 -3.15 -12.42
N HIS B 421 18.91 -2.86 -11.63
CA HIS B 421 17.82 -1.94 -12.06
C HIS B 421 18.06 -0.48 -11.64
N PHE B 422 18.88 -0.21 -10.63
CA PHE B 422 19.05 1.17 -10.09
C PHE B 422 20.49 1.52 -9.75
N ASP B 423 20.79 2.80 -9.86
CA ASP B 423 21.95 3.45 -9.21
C ASP B 423 21.43 4.00 -7.87
N PHE B 424 22.24 3.91 -6.84
CA PHE B 424 21.88 4.31 -5.46
C PHE B 424 22.72 5.48 -5.01
N GLU B 425 22.08 6.38 -4.27
CA GLU B 425 22.71 7.57 -3.67
C GLU B 425 22.41 7.59 -2.15
N ASP B 426 23.47 7.70 -1.35
CA ASP B 426 23.40 8.04 0.08
C ASP B 426 23.19 9.55 0.24
N HIS B 427 21.98 10.02 -0.07
CA HIS B 427 21.70 11.46 -0.27
C HIS B 427 21.76 12.20 1.07
N THR B 428 21.61 11.51 2.21
CA THR B 428 21.64 12.17 3.56
C THR B 428 22.99 11.95 4.26
N ASN B 429 23.93 11.25 3.63
CA ASN B 429 25.21 10.87 4.29
C ASN B 429 24.87 10.21 5.62
N TYR B 430 24.13 9.13 5.51
CA TYR B 430 23.48 8.45 6.65
C TYR B 430 24.52 8.00 7.68
N GLU B 431 24.29 8.33 8.95
CA GLU B 431 25.12 7.89 10.10
C GLU B 431 24.52 6.59 10.63
N LEU B 432 25.28 5.51 10.58
CA LEU B 432 24.78 4.19 11.01
C LEU B 432 24.25 4.27 12.45
N ASP B 433 23.01 3.81 12.62
CA ASP B 433 22.30 3.74 13.92
C ASP B 433 21.67 2.36 13.97
N ILE B 434 22.23 1.46 14.77
CA ILE B 434 21.78 0.04 14.76
C ILE B 434 20.74 -0.18 15.86
N LYS B 435 19.49 -0.40 15.44
CA LYS B 435 18.37 -0.72 16.34
C LYS B 435 18.45 -2.19 16.73
N GLU B 436 18.27 -2.45 18.02
CA GLU B 436 18.31 -3.81 18.59
C GLU B 436 16.90 -4.26 18.99
N THR B 437 16.50 -5.43 18.48
CA THR B 437 15.27 -6.18 18.84
C THR B 437 15.65 -7.63 19.06
N LEU B 438 16.68 -7.85 19.87
CA LEU B 438 17.48 -9.09 19.89
C LEU B 438 18.29 -9.13 18.58
N THR B 439 17.61 -9.21 17.44
N THR B 439 17.60 -9.20 17.43
CA THR B 439 18.22 -9.01 16.11
CA THR B 439 18.17 -9.00 16.07
C THR B 439 18.65 -7.55 15.87
C THR B 439 18.66 -7.56 15.88
N LEU B 440 19.52 -7.34 14.89
CA LEU B 440 20.11 -6.02 14.55
C LEU B 440 19.64 -5.57 13.18
N LYS B 441 19.36 -4.27 13.06
CA LYS B 441 18.97 -3.70 11.75
C LYS B 441 19.30 -2.21 11.78
N PRO B 442 19.79 -1.61 10.68
CA PRO B 442 19.95 -0.16 10.61
C PRO B 442 18.56 0.47 10.80
N GLU B 443 18.51 1.56 11.57
CA GLU B 443 17.30 2.39 11.72
C GLU B 443 17.51 3.73 10.97
N GLY B 444 16.48 4.17 10.25
CA GLY B 444 16.47 5.49 9.60
C GLY B 444 17.27 5.50 8.32
N PHE B 445 17.75 4.35 7.85
CA PHE B 445 18.60 4.27 6.64
C PHE B 445 17.70 4.54 5.44
N VAL B 446 18.03 5.59 4.69
CA VAL B 446 17.28 6.04 3.50
C VAL B 446 18.29 6.22 2.36
N VAL B 447 17.85 5.94 1.14
CA VAL B 447 18.64 6.18 -0.10
C VAL B 447 17.71 6.74 -1.17
N LYS B 448 18.31 7.27 -2.24
CA LYS B 448 17.60 7.57 -3.49
C LYS B 448 18.08 6.57 -4.52
N ALA B 449 17.15 6.03 -5.29
CA ALA B 449 17.47 5.10 -6.39
C ALA B 449 17.08 5.76 -7.70
N LYS B 450 18.03 5.86 -8.63
N LYS B 450 18.04 5.88 -8.62
CA LYS B 450 17.82 6.36 -10.01
CA LYS B 450 17.78 6.36 -10.00
C LYS B 450 17.70 5.14 -10.93
C LYS B 450 17.69 5.14 -10.92
N SER B 451 16.55 4.96 -11.57
CA SER B 451 16.29 3.83 -12.48
C SER B 451 17.31 3.85 -13.61
N LYS B 452 17.87 2.67 -13.91
CA LYS B 452 18.63 2.39 -15.15
C LYS B 452 17.66 2.10 -16.32
N LYS B 453 16.34 2.15 -16.07
CA LYS B 453 15.29 2.03 -17.13
C LYS B 453 15.48 0.73 -17.91
N ILE B 454 15.70 -0.37 -17.18
CA ILE B 454 15.81 -1.74 -17.76
C ILE B 454 14.48 -2.46 -17.53
N PRO B 455 13.76 -2.89 -18.60
CA PRO B 455 12.45 -3.50 -18.44
C PRO B 455 12.48 -4.80 -17.64
N LEU B 456 11.37 -5.06 -16.94
CA LEU B 456 11.05 -6.33 -16.26
C LEU B 456 10.21 -7.19 -17.19
#